data_2VR1
#
_entry.id   2VR1
#
_cell.length_a   84.129
_cell.length_b   106.784
_cell.length_c   121.910
_cell.angle_alpha   90.00
_cell.angle_beta   90.00
_cell.angle_gamma   90.00
#
_symmetry.space_group_name_H-M   'P 21 21 21'
#
loop_
_entity.id
_entity.type
_entity.pdbx_description
1 polymer 'BIOTIN CARBOXYLASE'
2 non-polymer 'CHLORIDE ION'
3 non-polymer 'PHOSPHODIFLUOROMETHYLPHOSPHONIC ACID-ADENYLATE ESTER'
4 water water
#
_entity_poly.entity_id   1
_entity_poly.type   'polypeptide(L)'
_entity_poly.pdbx_seq_one_letter_code
;MLDKIVIANRGEIALRILRACKELGIKTVAVHSSADRDLKHVLLADETVCIGPAPSVKSYLNIPAIISAAEITGAVAIHP
GYGFLSENANFAEQVERSGFIFIGPKAETIRLMGDKVSAIAAMKKAGVPCVPGSDGPLGDDMDKNRAIAKRIGYPVIIKA
SGGGGGRGMRVVRGDAELAQSISMTRAEAKAAFSNDMVYMEKYLENPRHVEIQVLADGQGNAIYLAERDCSMQRRHQKVV
EEAPAPGITPELRRYIGERCAKACVDIGYRGAGTFEFLFENGEFYFIEMNTRIQVEHPVTEMITGVDLIKEQLRIAAGQP
LSIKQEEVHVRGHAVECRINAEDPNTFLPSPGKITRFHAPGGFGVRWESHIYAGYTVPPYYDSMIGKLICYGENRDVAIA
RMKNALQELIIDGIKTNVDLQIRIMNDENFQHGGTNIHYLEKKLGLQEK
;
_entity_poly.pdbx_strand_id   A,B
#
loop_
_chem_comp.id
_chem_comp.type
_chem_comp.name
_chem_comp.formula
ATF non-polymer 'PHOSPHODIFLUOROMETHYLPHOSPHONIC ACID-ADENYLATE ESTER' 'C11 H16 F2 N5 O12 P3'
CL non-polymer 'CHLORIDE ION' 'Cl -1'
#
# COMPACT_ATOMS: atom_id res chain seq x y z
N MET A 1 -1.49 -0.12 27.02
CA MET A 1 -1.86 0.66 25.80
C MET A 1 -3.00 1.67 26.08
N LEU A 2 -2.90 2.84 25.42
CA LEU A 2 -3.78 3.97 25.66
C LEU A 2 -5.23 3.63 25.33
N ASP A 3 -6.13 4.11 26.16
CA ASP A 3 -7.50 3.66 26.11
C ASP A 3 -8.30 4.43 25.08
N LYS A 4 -8.08 5.73 25.05
CA LYS A 4 -8.92 6.67 24.33
C LYS A 4 -8.15 7.97 24.13
N ILE A 5 -8.12 8.47 22.89
CA ILE A 5 -7.43 9.73 22.59
C ILE A 5 -8.30 10.73 21.85
N VAL A 6 -7.95 12.00 21.99
CA VAL A 6 -8.54 13.07 21.23
C VAL A 6 -7.67 13.33 20.01
N ILE A 7 -8.28 13.22 18.83
CA ILE A 7 -7.61 13.57 17.59
C ILE A 7 -7.85 15.06 17.41
N ALA A 8 -6.84 15.85 17.74
CA ALA A 8 -6.95 17.30 17.76
C ALA A 8 -6.43 17.85 16.44
N ASN A 9 -7.18 17.54 15.38
CA ASN A 9 -6.86 17.94 13.99
C ASN A 9 -8.01 17.50 13.07
N ARG A 10 -7.82 17.65 11.76
CA ARG A 10 -8.87 17.44 10.79
C ARG A 10 -8.38 16.86 9.46
N GLY A 11 -9.31 16.63 8.55
CA GLY A 11 -8.98 16.24 7.18
C GLY A 11 -8.20 14.94 7.10
N GLU A 12 -7.18 14.91 6.24
CA GLU A 12 -6.49 13.66 5.94
C GLU A 12 -5.76 13.09 7.16
N ILE A 13 -5.10 13.96 7.92
CA ILE A 13 -4.24 13.49 9.02
C ILE A 13 -5.08 12.96 10.17
N ALA A 14 -6.25 13.54 10.37
CA ALA A 14 -7.17 13.06 11.38
C ALA A 14 -7.63 11.62 11.05
N LEU A 15 -7.95 11.38 9.78
CA LEU A 15 -8.29 10.05 9.29
C LEU A 15 -7.10 9.10 9.42
N ARG A 16 -5.92 9.59 9.06
CA ARG A 16 -4.68 8.84 9.22
C ARG A 16 -4.50 8.38 10.64
N ILE A 17 -4.63 9.30 11.59
CA ILE A 17 -4.47 8.98 13.00
C ILE A 17 -5.60 8.08 13.49
N LEU A 18 -6.80 8.24 12.94
CA LEU A 18 -7.93 7.45 13.38
C LEU A 18 -7.71 5.98 13.07
N ARG A 19 -7.16 5.69 11.90
CA ARG A 19 -6.91 4.31 11.47
C ARG A 19 -5.86 3.63 12.34
N ALA A 20 -4.84 4.39 12.75
CA ALA A 20 -3.84 3.86 13.66
C ALA A 20 -4.50 3.44 15.00
N CYS A 21 -5.37 4.29 15.53
CA CYS A 21 -6.06 4.03 16.78
C CYS A 21 -6.92 2.78 16.66
N LYS A 22 -7.74 2.73 15.61
CA LYS A 22 -8.59 1.56 15.38
C LYS A 22 -7.76 0.29 15.30
N GLU A 23 -6.64 0.32 14.59
CA GLU A 23 -5.79 -0.87 14.50
C GLU A 23 -5.30 -1.37 15.87
N LEU A 24 -5.04 -0.44 16.79
CA LEU A 24 -4.50 -0.77 18.10
C LEU A 24 -5.58 -0.91 19.18
N GLY A 25 -6.86 -0.84 18.79
CA GLY A 25 -7.97 -0.93 19.75
C GLY A 25 -8.15 0.31 20.63
N ILE A 26 -7.51 1.42 20.26
CA ILE A 26 -7.64 2.68 20.96
C ILE A 26 -8.96 3.31 20.54
N LYS A 27 -9.70 3.84 21.51
CA LYS A 27 -10.96 4.53 21.24
C LYS A 27 -10.70 5.95 20.75
N THR A 28 -11.50 6.41 19.80
CA THR A 28 -11.24 7.69 19.14
C THR A 28 -12.25 8.78 19.58
N VAL A 29 -11.73 9.98 19.81
CA VAL A 29 -12.56 11.15 20.04
C VAL A 29 -12.24 12.20 18.99
N ALA A 30 -13.19 12.41 18.07
CA ALA A 30 -13.06 13.42 17.03
C ALA A 30 -13.64 14.76 17.46
N VAL A 31 -12.74 15.70 17.76
CA VAL A 31 -13.11 17.07 17.98
C VAL A 31 -13.13 17.78 16.63
N HIS A 32 -14.16 18.56 16.36
CA HIS A 32 -14.30 19.18 15.06
C HIS A 32 -15.04 20.50 15.16
N SER A 33 -14.86 21.36 14.15
CA SER A 33 -15.64 22.58 14.05
C SER A 33 -17.02 22.30 13.49
N SER A 34 -17.92 23.26 13.65
CA SER A 34 -19.28 23.15 13.09
C SER A 34 -19.26 22.94 11.59
N ALA A 35 -18.22 23.41 10.92
CA ALA A 35 -18.08 23.22 9.47
C ALA A 35 -17.53 21.85 9.05
N ASP A 36 -17.14 21.02 10.03
CA ASP A 36 -16.50 19.73 9.75
C ASP A 36 -17.30 18.55 10.28
N ARG A 37 -18.61 18.76 10.47
CA ARG A 37 -19.51 17.69 10.95
C ARG A 37 -19.51 16.44 10.08
N ASP A 38 -19.21 16.60 8.77
CA ASP A 38 -19.26 15.48 7.81
C ASP A 38 -17.87 15.03 7.27
N LEU A 39 -16.81 15.31 8.03
CA LEU A 39 -15.48 14.76 7.72
C LEU A 39 -15.51 13.25 7.84
N LYS A 40 -14.79 12.57 6.96
CA LYS A 40 -14.77 11.11 6.98
C LYS A 40 -14.36 10.55 8.36
N HIS A 41 -13.32 11.12 8.97
CA HIS A 41 -12.85 10.60 10.26
C HIS A 41 -13.83 10.90 11.40
N VAL A 42 -14.55 12.02 11.30
CA VAL A 42 -15.62 12.32 12.26
C VAL A 42 -16.74 11.29 12.19
N LEU A 43 -17.12 10.90 10.97
CA LEU A 43 -18.23 9.97 10.78
C LEU A 43 -17.86 8.55 11.17
N LEU A 44 -16.57 8.26 11.29
CA LEU A 44 -16.10 6.92 11.67
C LEU A 44 -15.77 6.79 13.16
N ALA A 45 -15.60 7.93 13.83
CA ALA A 45 -15.05 7.94 15.17
C ALA A 45 -16.00 7.34 16.19
N ASP A 46 -15.46 6.90 17.32
CA ASP A 46 -16.27 6.36 18.40
C ASP A 46 -17.09 7.46 19.06
N GLU A 47 -16.44 8.55 19.46
CA GLU A 47 -17.11 9.72 20.03
C GLU A 47 -16.70 10.99 19.27
N THR A 48 -17.65 11.91 19.13
CA THR A 48 -17.43 13.18 18.46
C THR A 48 -17.89 14.33 19.34
N VAL A 49 -17.09 15.39 19.40
CA VAL A 49 -17.40 16.57 20.18
C VAL A 49 -17.18 17.77 19.29
N CYS A 50 -18.14 18.68 19.30
CA CYS A 50 -18.06 19.87 18.44
C CYS A 50 -17.55 21.00 19.30
N ILE A 51 -16.39 21.53 18.95
CA ILE A 51 -15.66 22.43 19.84
C ILE A 51 -15.78 23.91 19.52
N GLY A 52 -16.50 24.25 18.46
CA GLY A 52 -16.72 25.66 18.11
C GLY A 52 -16.96 25.88 16.64
N PRO A 53 -17.19 27.14 16.26
CA PRO A 53 -17.51 27.48 14.88
C PRO A 53 -16.35 27.29 13.91
N ALA A 54 -16.65 27.52 12.64
CA ALA A 54 -15.72 27.23 11.56
C ALA A 54 -14.30 27.74 11.78
N PRO A 55 -14.12 29.01 12.13
CA PRO A 55 -12.75 29.53 12.12
C PRO A 55 -11.84 28.85 13.15
N SER A 56 -10.61 28.57 12.75
CA SER A 56 -9.67 27.81 13.58
C SER A 56 -9.52 28.38 14.99
N VAL A 57 -9.45 29.70 15.13
CA VAL A 57 -9.17 30.30 16.42
C VAL A 57 -10.14 29.86 17.51
N LYS A 58 -11.40 29.61 17.11
CA LYS A 58 -12.46 29.17 18.05
C LYS A 58 -12.72 27.66 17.97
N SER A 59 -11.99 26.95 17.11
CA SER A 59 -12.08 25.48 17.00
C SER A 59 -10.71 24.80 17.21
N TYR A 60 -9.92 24.64 16.15
CA TYR A 60 -8.70 23.79 16.22
C TYR A 60 -7.51 24.44 16.94
N LEU A 61 -7.60 25.73 17.25
CA LEU A 61 -6.62 26.40 18.09
C LEU A 61 -7.19 26.72 19.48
N ASN A 62 -8.45 26.37 19.70
CA ASN A 62 -9.11 26.64 20.97
C ASN A 62 -8.62 25.67 22.03
N ILE A 63 -7.60 26.07 22.77
CA ILE A 63 -6.98 25.20 23.75
C ILE A 63 -7.97 24.74 24.85
N PRO A 64 -8.67 25.68 25.50
CA PRO A 64 -9.68 25.26 26.47
C PRO A 64 -10.71 24.27 25.92
N ALA A 65 -11.12 24.47 24.69
CA ALA A 65 -12.17 23.62 24.10
C ALA A 65 -11.67 22.19 23.88
N ILE A 66 -10.43 22.07 23.41
CA ILE A 66 -9.84 20.76 23.17
C ILE A 66 -9.59 19.99 24.48
N ILE A 67 -9.22 20.71 25.54
CA ILE A 67 -8.94 20.09 26.84
C ILE A 67 -10.24 19.65 27.51
N SER A 68 -11.29 20.45 27.39
CA SER A 68 -12.64 20.07 27.87
C SER A 68 -13.11 18.77 27.24
N ALA A 69 -12.97 18.68 25.92
CA ALA A 69 -13.37 17.49 25.19
C ALA A 69 -12.71 16.25 25.78
N ALA A 70 -11.40 16.35 25.98
CA ALA A 70 -10.64 15.30 26.65
C ALA A 70 -11.26 14.97 28.00
N GLU A 71 -11.45 16.00 28.84
CA GLU A 71 -12.06 15.81 30.18
C GLU A 71 -13.45 15.17 30.13
N ILE A 72 -14.33 15.61 29.23
CA ILE A 72 -15.72 15.14 29.24
C ILE A 72 -15.88 13.72 28.64
N THR A 73 -15.00 13.37 27.71
CA THR A 73 -15.02 12.05 27.09
C THR A 73 -14.24 10.98 27.86
N GLY A 74 -13.50 11.39 28.89
CA GLY A 74 -12.65 10.46 29.64
C GLY A 74 -11.46 9.99 28.84
N ALA A 75 -11.00 10.81 27.90
CA ALA A 75 -9.81 10.51 27.11
C ALA A 75 -8.55 10.65 27.96
N VAL A 76 -7.47 9.98 27.56
CA VAL A 76 -6.23 9.99 28.33
C VAL A 76 -5.07 10.73 27.65
N ALA A 77 -5.27 11.14 26.40
CA ALA A 77 -4.18 11.66 25.59
C ALA A 77 -4.72 12.44 24.41
N ILE A 78 -3.86 13.25 23.81
CA ILE A 78 -4.27 14.10 22.70
C ILE A 78 -3.22 14.02 21.62
N HIS A 79 -3.62 13.60 20.41
CA HIS A 79 -2.73 13.62 19.25
C HIS A 79 -3.00 14.89 18.43
N PRO A 80 -2.02 15.79 18.36
CA PRO A 80 -2.15 17.10 17.72
C PRO A 80 -1.91 17.14 16.21
N GLY A 81 -1.52 16.03 15.59
CA GLY A 81 -1.27 16.01 14.15
C GLY A 81 -0.14 16.92 13.71
N TYR A 82 -0.32 17.57 12.56
CA TYR A 82 0.58 18.64 12.07
C TYR A 82 -0.21 19.93 11.94
N GLY A 83 0.49 21.04 11.78
CA GLY A 83 -0.14 22.35 11.82
C GLY A 83 -0.78 22.62 13.18
N PHE A 84 -1.78 23.49 13.18
CA PHE A 84 -2.50 23.93 14.38
C PHE A 84 -1.60 23.98 15.60
N LEU A 85 -1.92 23.21 16.65
CA LEU A 85 -1.27 23.39 17.93
C LEU A 85 -0.10 22.44 18.13
N SER A 86 0.32 21.77 17.06
CA SER A 86 1.25 20.65 17.22
C SER A 86 2.64 21.10 17.64
N GLU A 87 3.09 22.29 17.21
CA GLU A 87 4.36 22.90 17.68
C GLU A 87 4.14 23.98 18.77
N ASN A 88 2.99 23.97 19.43
CA ASN A 88 2.71 24.96 20.45
C ASN A 88 3.11 24.45 21.83
N ALA A 89 4.21 24.99 22.35
CA ALA A 89 4.75 24.58 23.64
C ALA A 89 3.77 24.83 24.78
N ASN A 90 3.16 26.01 24.81
CA ASN A 90 2.14 26.33 25.82
C ASN A 90 1.00 25.31 25.86
N PHE A 91 0.58 24.84 24.68
CA PHE A 91 -0.53 23.88 24.59
C PHE A 91 -0.13 22.51 25.13
N ALA A 92 0.99 21.99 24.65
CA ALA A 92 1.57 20.73 25.14
C ALA A 92 1.71 20.71 26.65
N GLU A 93 2.17 21.84 27.18
CA GLU A 93 2.37 22.04 28.62
C GLU A 93 1.05 22.01 29.39
N GLN A 94 0.03 22.67 28.86
CA GLN A 94 -1.30 22.69 29.48
C GLN A 94 -1.96 21.33 29.45
N VAL A 95 -1.70 20.58 28.36
CA VAL A 95 -2.15 19.20 28.25
C VAL A 95 -1.53 18.37 29.37
N GLU A 96 -0.23 18.52 29.56
CA GLU A 96 0.49 17.82 30.65
C GLU A 96 0.04 18.30 32.04
N ARG A 97 -0.13 19.62 32.23
CA ARG A 97 -0.52 20.17 33.52
C ARG A 97 -1.92 19.70 33.91
N SER A 98 -2.76 19.49 32.90
CA SER A 98 -4.13 19.00 33.12
C SER A 98 -4.19 17.49 33.34
N GLY A 99 -3.11 16.79 32.99
CA GLY A 99 -2.96 15.36 33.28
C GLY A 99 -3.24 14.42 32.11
N PHE A 100 -3.18 14.94 30.89
CA PHE A 100 -3.33 14.13 29.70
C PHE A 100 -1.97 13.95 29.02
N ILE A 101 -1.85 12.91 28.20
CA ILE A 101 -0.61 12.69 27.49
C ILE A 101 -0.66 13.43 26.18
N PHE A 102 0.36 14.26 25.96
CA PHE A 102 0.60 14.90 24.68
C PHE A 102 1.38 13.94 23.81
N ILE A 103 0.76 13.49 22.73
CA ILE A 103 1.44 12.60 21.81
C ILE A 103 2.42 13.45 21.00
N GLY A 104 3.65 13.49 21.50
CA GLY A 104 4.67 14.44 21.05
C GLY A 104 5.76 14.56 22.09
N PRO A 105 6.76 15.41 21.82
CA PRO A 105 7.85 15.57 22.78
C PRO A 105 7.45 16.36 24.00
N LYS A 106 8.37 16.49 24.95
CA LYS A 106 8.16 17.36 26.10
C LYS A 106 8.07 18.81 25.62
N ALA A 107 7.24 19.59 26.31
CA ALA A 107 7.03 21.01 25.97
C ALA A 107 8.35 21.76 25.89
N GLU A 108 9.17 21.58 26.92
CA GLU A 108 10.53 22.12 26.94
C GLU A 108 11.30 21.86 25.63
N THR A 109 11.19 20.65 25.09
CA THR A 109 11.88 20.27 23.85
C THR A 109 11.29 20.97 22.64
N ILE A 110 9.97 21.07 22.63
CA ILE A 110 9.24 21.82 21.62
C ILE A 110 9.67 23.28 21.65
N ARG A 111 9.84 23.85 22.83
CA ARG A 111 10.19 25.25 22.97
C ARG A 111 11.62 25.52 22.52
N LEU A 112 12.50 24.56 22.76
CA LEU A 112 13.91 24.66 22.39
C LEU A 112 14.10 24.68 20.88
N MET A 113 13.30 23.88 20.19
CA MET A 113 13.46 23.70 18.76
C MET A 113 12.57 24.65 17.97
N GLY A 114 11.71 25.38 18.67
CA GLY A 114 10.81 26.37 18.04
C GLY A 114 11.42 27.76 17.98
N ASP A 115 12.57 27.91 18.63
CA ASP A 115 13.41 29.08 18.51
C ASP A 115 14.65 28.62 17.75
N LYS A 116 14.96 29.26 16.64
CA LYS A 116 16.05 28.78 15.78
C LYS A 116 17.43 29.01 16.38
N VAL A 117 17.65 30.14 17.05
CA VAL A 117 18.96 30.42 17.65
C VAL A 117 19.35 29.32 18.62
N SER A 118 18.47 29.02 19.57
CA SER A 118 18.73 28.00 20.60
C SER A 118 18.73 26.58 20.01
N ALA A 119 17.97 26.36 18.94
CA ALA A 119 17.95 25.07 18.24
C ALA A 119 19.28 24.80 17.56
N ILE A 120 19.81 25.82 16.88
CA ILE A 120 21.10 25.69 16.18
C ILE A 120 22.27 25.49 17.15
N ALA A 121 22.27 26.23 18.25
CA ALA A 121 23.28 26.05 19.29
C ALA A 121 23.29 24.60 19.83
N ALA A 122 22.11 24.02 20.00
CA ALA A 122 22.00 22.66 20.54
C ALA A 122 22.51 21.63 19.55
N MET A 123 22.11 21.78 18.29
CA MET A 123 22.55 20.88 17.24
C MET A 123 24.06 20.97 17.09
N LYS A 124 24.56 22.20 17.04
CA LYS A 124 25.98 22.47 16.89
C LYS A 124 26.73 21.81 18.02
N LYS A 125 26.20 21.95 19.24
CA LYS A 125 26.79 21.31 20.41
C LYS A 125 26.80 19.76 20.30
N ALA A 126 25.75 19.19 19.71
CA ALA A 126 25.64 17.74 19.59
C ALA A 126 26.35 17.17 18.36
N GLY A 127 27.00 18.02 17.57
CA GLY A 127 27.77 17.57 16.39
C GLY A 127 26.98 17.41 15.10
N VAL A 128 25.79 18.01 15.03
CA VAL A 128 25.02 18.06 13.80
C VAL A 128 25.52 19.26 13.00
N PRO A 129 25.85 19.05 11.71
CA PRO A 129 26.37 20.17 10.93
C PRO A 129 25.33 21.25 10.66
N CYS A 130 25.65 22.48 11.05
CA CYS A 130 24.81 23.64 10.80
C CYS A 130 25.42 24.56 9.73
N VAL A 131 24.63 25.54 9.29
CA VAL A 131 25.11 26.58 8.39
C VAL A 131 26.00 27.55 9.18
N PRO A 132 27.16 27.97 8.62
CA PRO A 132 27.92 29.02 9.31
C PRO A 132 27.07 30.27 9.53
N GLY A 133 27.14 30.85 10.72
CA GLY A 133 26.30 32.00 11.04
C GLY A 133 26.74 32.82 12.23
N SER A 134 25.83 33.67 12.71
CA SER A 134 26.12 34.55 13.84
C SER A 134 26.28 33.75 15.12
N ASP A 135 25.67 32.56 15.17
CA ASP A 135 25.74 31.72 16.36
C ASP A 135 25.33 32.54 17.57
N GLY A 136 24.14 33.10 17.49
CA GLY A 136 23.61 33.99 18.51
C GLY A 136 22.90 35.12 17.83
N PRO A 137 22.10 35.88 18.60
CA PRO A 137 21.33 36.97 18.02
C PRO A 137 22.19 38.17 17.61
N LEU A 138 21.64 38.98 16.72
CA LEU A 138 22.27 40.24 16.30
C LEU A 138 21.68 41.37 17.13
N GLY A 139 22.53 42.26 17.63
CA GLY A 139 22.07 43.46 18.33
C GLY A 139 21.82 44.55 17.31
N ASP A 140 21.86 45.80 17.78
CA ASP A 140 21.61 46.96 16.93
C ASP A 140 22.90 47.70 16.53
N ASP A 141 24.05 47.05 16.75
CA ASP A 141 25.35 47.62 16.39
C ASP A 141 25.74 47.17 14.98
N MET A 142 25.67 48.09 14.02
CA MET A 142 25.88 47.77 12.60
C MET A 142 27.35 47.60 12.20
N ASP A 143 28.28 48.14 12.98
CA ASP A 143 29.69 47.86 12.78
C ASP A 143 29.94 46.36 13.08
N LYS A 144 29.41 45.88 14.21
CA LYS A 144 29.48 44.46 14.56
C LYS A 144 28.74 43.56 13.57
N ASN A 145 27.55 43.99 13.16
CA ASN A 145 26.74 43.22 12.21
C ASN A 145 27.42 43.09 10.84
N ARG A 146 28.07 44.17 10.38
CA ARG A 146 28.90 44.09 9.17
C ARG A 146 30.12 43.16 9.33
N ALA A 147 30.76 43.21 10.49
CA ALA A 147 31.90 42.32 10.80
C ALA A 147 31.47 40.86 10.72
N ILE A 148 30.24 40.57 11.15
CA ILE A 148 29.72 39.20 11.10
C ILE A 148 29.42 38.77 9.67
N ALA A 149 28.96 39.69 8.83
CA ALA A 149 28.73 39.42 7.41
C ALA A 149 30.02 39.11 6.64
N LYS A 150 31.09 39.83 6.96
CA LYS A 150 32.40 39.63 6.34
C LYS A 150 33.00 38.28 6.73
N ARG A 151 32.89 37.96 8.02
CA ARG A 151 33.38 36.71 8.60
C ARG A 151 32.68 35.50 7.95
N ILE A 152 31.35 35.56 7.85
CA ILE A 152 30.59 34.52 7.14
C ILE A 152 30.92 34.56 5.64
N GLY A 153 31.00 35.76 5.09
CA GLY A 153 31.19 35.96 3.66
C GLY A 153 29.87 35.96 2.93
N TYR A 154 29.68 36.95 2.06
CA TYR A 154 28.43 37.11 1.30
C TYR A 154 28.26 36.03 0.23
N PRO A 155 27.01 35.77 -0.18
CA PRO A 155 25.77 36.35 0.35
C PRO A 155 25.37 35.76 1.69
N VAL A 156 24.69 36.55 2.51
CA VAL A 156 24.17 36.05 3.77
C VAL A 156 22.67 36.21 3.75
N ILE A 157 22.02 35.60 4.73
CA ILE A 157 20.59 35.70 4.88
C ILE A 157 20.25 36.04 6.33
N ILE A 158 19.31 36.98 6.50
CA ILE A 158 18.81 37.39 7.79
C ILE A 158 17.50 36.66 8.08
N LYS A 159 17.32 36.27 9.34
CA LYS A 159 16.30 35.30 9.73
C LYS A 159 15.71 35.56 11.11
N ALA A 160 14.39 35.53 11.19
CA ALA A 160 13.68 35.60 12.46
C ALA A 160 13.91 34.32 13.24
N SER A 161 14.12 34.45 14.55
CA SER A 161 14.31 33.28 15.40
C SER A 161 13.02 32.50 15.62
N GLY A 162 11.88 33.19 15.54
CA GLY A 162 10.56 32.54 15.50
C GLY A 162 10.05 32.28 14.08
N GLY A 163 9.02 31.44 13.96
CA GLY A 163 8.47 31.05 12.66
C GLY A 163 7.02 30.61 12.75
N GLY A 166 4.80 32.79 8.51
CA GLY A 166 5.20 31.90 7.43
C GLY A 166 6.70 31.59 7.45
N ARG A 167 7.52 32.62 7.33
CA ARG A 167 8.96 32.46 7.11
C ARG A 167 9.77 33.72 7.50
N GLY A 168 9.56 34.83 6.79
CA GLY A 168 10.20 36.12 7.13
C GLY A 168 11.73 36.15 7.09
N MET A 169 12.30 36.23 5.89
CA MET A 169 13.75 36.18 5.67
C MET A 169 14.18 37.17 4.61
N ARG A 170 15.49 37.44 4.58
CA ARG A 170 16.05 38.39 3.63
C ARG A 170 17.48 38.04 3.24
N VAL A 171 17.66 37.79 1.94
CA VAL A 171 18.97 37.66 1.36
C VAL A 171 19.63 39.03 1.33
N VAL A 172 20.92 39.07 1.64
CA VAL A 172 21.72 40.29 1.57
C VAL A 172 22.99 39.95 0.81
N ARG A 173 23.36 40.78 -0.15
CA ARG A 173 24.51 40.51 -1.00
C ARG A 173 25.65 41.52 -0.83
N GLY A 174 25.44 42.58 -0.04
CA GLY A 174 26.48 43.56 0.24
C GLY A 174 26.15 44.45 1.43
N ASP A 175 27.16 45.16 1.93
CA ASP A 175 27.00 46.02 3.11
C ASP A 175 25.85 47.01 2.94
N ALA A 176 25.63 47.49 1.73
CA ALA A 176 24.62 48.53 1.47
C ALA A 176 23.22 48.10 1.91
N GLU A 177 22.83 46.86 1.60
CA GLU A 177 21.48 46.38 1.90
C GLU A 177 21.35 45.84 3.34
N LEU A 178 22.46 45.78 4.07
CA LEU A 178 22.50 45.06 5.36
C LEU A 178 21.65 45.69 6.45
N ALA A 179 21.90 46.96 6.75
CA ALA A 179 21.14 47.66 7.78
C ALA A 179 19.64 47.51 7.53
N GLN A 180 19.23 47.84 6.32
CA GLN A 180 17.82 47.89 5.95
C GLN A 180 17.14 46.51 5.97
N SER A 181 17.91 45.47 5.66
CA SER A 181 17.39 44.10 5.68
C SER A 181 17.19 43.57 7.11
N ILE A 182 17.98 44.09 8.05
CA ILE A 182 17.88 43.70 9.44
C ILE A 182 16.68 44.40 10.10
N SER A 183 16.58 45.71 9.91
CA SER A 183 15.44 46.48 10.41
C SER A 183 14.10 45.88 9.99
N MET A 184 14.00 45.52 8.72
CA MET A 184 12.76 45.02 8.15
C MET A 184 12.43 43.61 8.63
N THR A 185 13.44 42.76 8.69
CA THR A 185 13.22 41.39 9.16
C THR A 185 12.83 41.44 10.64
N ARG A 186 13.51 42.31 11.39
CA ARG A 186 13.24 42.50 12.81
C ARG A 186 11.78 42.91 13.04
N ALA A 187 11.36 43.99 12.37
CA ALA A 187 10.00 44.51 12.52
C ALA A 187 8.92 43.53 12.09
N GLU A 188 9.24 42.67 11.11
CA GLU A 188 8.25 41.69 10.62
C GLU A 188 8.13 40.47 11.52
N ALA A 189 9.10 40.28 12.41
CA ALA A 189 9.06 39.20 13.42
C ALA A 189 8.43 39.68 14.73
N LYS A 190 8.59 40.96 15.02
CA LYS A 190 7.91 41.59 16.14
C LYS A 190 6.38 41.60 15.91
N ALA A 191 5.97 41.90 14.68
CA ALA A 191 4.55 41.99 14.35
C ALA A 191 3.90 40.61 14.17
N ALA A 192 4.72 39.57 14.03
CA ALA A 192 4.21 38.22 13.70
C ALA A 192 4.22 37.26 14.89
N PHE A 193 5.36 37.15 15.58
CA PHE A 193 5.52 36.21 16.69
C PHE A 193 5.81 36.98 17.98
N SER A 194 5.59 38.30 17.94
CA SER A 194 5.88 39.21 19.06
C SER A 194 7.35 39.25 19.52
N ASN A 195 8.19 38.41 18.92
CA ASN A 195 9.61 38.30 19.25
C ASN A 195 10.45 38.89 18.13
N ASP A 196 11.19 39.96 18.42
CA ASP A 196 11.95 40.68 17.39
C ASP A 196 13.39 40.17 17.20
N MET A 197 13.72 39.04 17.77
CA MET A 197 15.06 38.46 17.62
C MET A 197 15.33 37.99 16.20
N VAL A 198 16.55 38.26 15.73
CA VAL A 198 17.01 37.81 14.41
C VAL A 198 18.43 37.25 14.48
N TYR A 199 18.79 36.48 13.45
CA TYR A 199 20.15 35.97 13.30
C TYR A 199 20.58 35.91 11.83
N MET A 200 21.86 35.66 11.62
CA MET A 200 22.45 35.65 10.28
C MET A 200 23.03 34.28 9.95
N GLU A 201 22.75 33.80 8.74
CA GLU A 201 23.33 32.57 8.22
C GLU A 201 23.99 32.86 6.90
N LYS A 202 24.94 32.02 6.51
CA LYS A 202 25.43 31.99 5.15
C LYS A 202 24.26 31.62 4.24
N TYR A 203 24.15 32.26 3.08
CA TYR A 203 23.07 31.96 2.12
C TYR A 203 23.55 30.96 1.07
N LEU A 204 22.79 29.88 0.91
CA LEU A 204 23.09 28.86 -0.10
C LEU A 204 22.21 29.06 -1.35
N GLU A 205 22.85 29.09 -2.52
CA GLU A 205 22.18 29.49 -3.77
C GLU A 205 21.32 28.36 -4.38
N ASN A 206 21.87 27.12 -4.43
CA ASN A 206 21.17 25.99 -5.06
C ASN A 206 21.10 24.70 -4.22
N PRO A 207 20.62 24.82 -2.97
CA PRO A 207 20.56 23.63 -2.14
C PRO A 207 19.39 22.77 -2.54
N ARG A 208 19.42 21.50 -2.11
CA ARG A 208 18.23 20.65 -2.11
C ARG A 208 17.75 20.56 -0.67
N HIS A 209 16.49 20.16 -0.49
CA HIS A 209 15.91 19.98 0.84
C HIS A 209 15.89 18.49 1.16
N VAL A 210 16.65 18.08 2.16
CA VAL A 210 16.71 16.69 2.56
C VAL A 210 16.54 16.58 4.06
N GLU A 211 15.58 15.79 4.50
CA GLU A 211 15.27 15.69 5.91
C GLU A 211 15.37 14.25 6.38
N ILE A 212 15.75 14.08 7.65
CA ILE A 212 15.86 12.78 8.27
C ILE A 212 14.71 12.55 9.26
N GLN A 213 13.99 11.44 9.09
CA GLN A 213 12.98 11.02 10.04
C GLN A 213 13.65 10.32 11.20
N VAL A 214 13.23 10.65 12.41
CA VAL A 214 13.69 9.94 13.60
C VAL A 214 12.51 9.52 14.45
N LEU A 215 12.77 8.51 15.28
CA LEU A 215 11.89 8.10 16.36
C LEU A 215 12.70 7.96 17.63
N ALA A 216 12.16 8.45 18.74
CA ALA A 216 12.80 8.23 20.03
C ALA A 216 11.75 7.90 21.09
N ASP A 217 12.00 6.80 21.82
CA ASP A 217 11.10 6.31 22.87
C ASP A 217 11.57 6.75 24.26
N GLY A 218 10.88 6.30 25.30
CA GLY A 218 11.18 6.72 26.67
C GLY A 218 12.19 5.87 27.42
N GLN A 219 12.77 4.88 26.74
CA GLN A 219 13.77 3.98 27.33
C GLN A 219 15.19 4.26 26.81
N GLY A 220 15.39 5.43 26.22
CA GLY A 220 16.73 5.82 25.77
C GLY A 220 17.02 5.54 24.31
N ASN A 221 16.16 4.76 23.65
CA ASN A 221 16.37 4.40 22.24
C ASN A 221 16.04 5.53 21.28
N ALA A 222 16.89 5.72 20.27
CA ALA A 222 16.69 6.75 19.24
C ALA A 222 17.21 6.26 17.89
N ILE A 223 16.36 6.30 16.87
CA ILE A 223 16.69 5.74 15.56
C ILE A 223 16.36 6.68 14.43
N TYR A 224 17.08 6.53 13.33
CA TYR A 224 16.78 7.28 12.10
C TYR A 224 16.20 6.33 11.05
N LEU A 225 15.21 6.83 10.31
CA LEU A 225 14.53 6.04 9.30
C LEU A 225 14.75 6.66 7.94
N ALA A 226 16.01 6.76 7.55
CA ALA A 226 16.41 7.25 6.23
C ALA A 226 15.94 8.66 6.02
N GLU A 227 15.88 9.10 4.76
CA GLU A 227 15.68 10.50 4.45
C GLU A 227 14.62 10.73 3.37
N ARG A 228 14.23 11.99 3.25
CA ARG A 228 13.24 12.41 2.27
C ARG A 228 13.77 13.63 1.56
N ASP A 229 13.53 13.71 0.24
CA ASP A 229 13.81 14.92 -0.50
C ASP A 229 12.48 15.62 -0.79
N CYS A 230 12.35 16.86 -0.31
CA CYS A 230 11.15 17.69 -0.54
C CYS A 230 11.53 19.00 -1.23
N SER A 231 12.35 18.90 -2.28
CA SER A 231 12.90 20.07 -2.94
C SER A 231 11.87 20.80 -3.79
N MET A 232 10.98 20.03 -4.41
CA MET A 232 9.97 20.60 -5.30
C MET A 232 8.99 21.45 -4.47
N GLN A 233 9.17 22.78 -4.52
CA GLN A 233 8.42 23.70 -3.67
C GLN A 233 7.84 24.90 -4.43
N ARG A 234 6.89 25.56 -3.79
CA ARG A 234 6.33 26.81 -4.27
C ARG A 234 5.99 27.71 -3.09
N ARG A 235 6.60 28.90 -3.06
CA ARG A 235 6.46 29.82 -1.91
C ARG A 235 6.82 29.09 -0.62
N HIS A 236 7.89 28.29 -0.70
CA HIS A 236 8.36 27.47 0.42
C HIS A 236 7.36 26.42 0.91
N GLN A 237 6.36 26.10 0.10
CA GLN A 237 5.38 25.04 0.40
C GLN A 237 5.71 23.81 -0.44
N LYS A 238 5.85 22.65 0.22
CA LYS A 238 6.21 21.41 -0.45
C LYS A 238 5.07 20.93 -1.35
N VAL A 239 5.44 20.41 -2.53
CA VAL A 239 4.50 19.97 -3.56
C VAL A 239 4.64 18.47 -3.82
N VAL A 240 5.89 18.01 -3.84
CA VAL A 240 6.25 16.63 -4.06
C VAL A 240 7.36 16.26 -3.08
N GLU A 241 7.23 15.09 -2.48
CA GLU A 241 8.28 14.53 -1.62
C GLU A 241 8.55 13.08 -2.02
N GLU A 242 9.78 12.62 -1.79
CA GLU A 242 10.17 11.25 -2.14
C GLU A 242 11.25 10.70 -1.22
N ALA A 243 11.26 9.37 -1.10
CA ALA A 243 12.21 8.68 -0.25
C ALA A 243 12.64 7.39 -0.93
N PRO A 244 13.95 7.06 -0.85
CA PRO A 244 15.05 7.87 -0.35
C PRO A 244 15.34 9.04 -1.29
N ALA A 245 16.33 9.84 -0.93
CA ALA A 245 16.72 11.01 -1.69
C ALA A 245 17.71 10.61 -2.77
N PRO A 246 17.40 10.93 -4.04
CA PRO A 246 18.30 10.56 -5.12
C PRO A 246 19.73 11.08 -4.99
N GLY A 247 20.68 10.17 -5.03
CA GLY A 247 22.09 10.52 -5.00
C GLY A 247 22.71 10.42 -3.63
N ILE A 248 21.91 10.14 -2.61
CA ILE A 248 22.42 9.92 -1.27
C ILE A 248 22.89 8.48 -1.17
N THR A 249 24.19 8.30 -0.95
CA THR A 249 24.78 6.96 -0.79
C THR A 249 24.44 6.41 0.58
N PRO A 250 24.47 5.08 0.74
CA PRO A 250 24.29 4.54 2.10
C PRO A 250 25.32 5.09 3.10
N GLU A 251 26.49 5.53 2.61
CA GLU A 251 27.53 6.09 3.47
C GLU A 251 27.14 7.45 4.03
N LEU A 252 26.58 8.31 3.17
CA LEU A 252 26.05 9.61 3.61
C LEU A 252 24.86 9.44 4.52
N ARG A 253 23.97 8.53 4.14
CA ARG A 253 22.77 8.23 4.94
C ARG A 253 23.17 7.87 6.37
N ARG A 254 24.12 6.94 6.49
CA ARG A 254 24.60 6.46 7.78
C ARG A 254 25.28 7.57 8.56
N TYR A 255 25.93 8.49 7.86
CA TYR A 255 26.66 9.58 8.49
C TYR A 255 25.73 10.61 9.12
N ILE A 256 24.82 11.14 8.30
CA ILE A 256 23.88 12.16 8.76
C ILE A 256 22.83 11.57 9.70
N GLY A 257 22.43 10.32 9.47
CA GLY A 257 21.49 9.63 10.34
C GLY A 257 22.00 9.41 11.75
N GLU A 258 23.25 8.97 11.88
CA GLU A 258 23.84 8.71 13.20
C GLU A 258 23.91 9.96 14.08
N ARG A 259 24.23 11.10 13.47
CA ARG A 259 24.35 12.36 14.20
C ARG A 259 22.97 12.89 14.57
N CYS A 260 21.96 12.58 13.76
CA CYS A 260 20.58 12.96 14.10
C CYS A 260 20.10 12.16 15.31
N ALA A 261 20.44 10.89 15.35
CA ALA A 261 20.05 10.05 16.46
C ALA A 261 20.79 10.48 17.74
N LYS A 262 22.05 10.86 17.61
CA LYS A 262 22.83 11.30 18.75
C LYS A 262 22.27 12.62 19.29
N ALA A 263 21.87 13.52 18.39
CA ALA A 263 21.17 14.74 18.78
C ALA A 263 19.94 14.42 19.64
N CYS A 264 19.15 13.42 19.24
CA CYS A 264 17.96 13.04 19.99
C CYS A 264 18.30 12.61 21.43
N VAL A 265 19.41 11.89 21.58
CA VAL A 265 19.80 11.35 22.88
C VAL A 265 20.26 12.49 23.78
N ASP A 266 21.10 13.36 23.23
CA ASP A 266 21.66 14.51 23.94
C ASP A 266 20.56 15.41 24.48
N ILE A 267 19.54 15.66 23.66
CA ILE A 267 18.46 16.59 24.03
C ILE A 267 17.25 15.93 24.67
N GLY A 268 17.32 14.64 24.95
CA GLY A 268 16.18 13.92 25.54
C GLY A 268 14.93 14.06 24.68
N TYR A 269 15.09 13.83 23.38
CA TYR A 269 13.96 13.93 22.48
C TYR A 269 13.04 12.73 22.69
N ARG A 270 11.76 12.90 22.42
CA ARG A 270 10.80 11.80 22.48
C ARG A 270 9.78 11.85 21.34
N GLY A 271 9.40 10.68 20.81
CA GLY A 271 8.39 10.58 19.75
C GLY A 271 8.93 10.72 18.34
N ALA A 272 8.06 11.08 17.40
CA ALA A 272 8.45 11.24 15.99
C ALA A 272 9.02 12.64 15.78
N GLY A 273 10.08 12.75 14.99
CA GLY A 273 10.68 14.04 14.67
C GLY A 273 11.31 14.08 13.29
N THR A 274 11.53 15.29 12.77
CA THR A 274 12.20 15.44 11.49
C THR A 274 13.30 16.48 11.62
N PHE A 275 14.51 16.11 11.21
CA PHE A 275 15.63 17.05 11.11
C PHE A 275 15.74 17.57 9.66
N GLU A 276 15.47 18.85 9.46
CA GLU A 276 15.52 19.43 8.11
C GLU A 276 16.90 20.01 7.79
N PHE A 277 17.41 19.65 6.61
CA PHE A 277 18.70 20.07 6.16
C PHE A 277 18.63 20.66 4.75
N LEU A 278 19.49 21.64 4.50
CA LEU A 278 19.78 22.06 3.14
C LEU A 278 21.00 21.27 2.71
N PHE A 279 20.95 20.75 1.48
CA PHE A 279 21.97 19.83 1.00
C PHE A 279 22.56 20.41 -0.28
N GLU A 280 23.85 20.75 -0.23
CA GLU A 280 24.55 21.32 -1.38
C GLU A 280 25.98 20.80 -1.43
N ASN A 281 26.48 20.57 -2.64
CA ASN A 281 27.85 20.09 -2.84
C ASN A 281 28.20 18.90 -1.92
N GLY A 282 27.22 18.01 -1.73
CA GLY A 282 27.42 16.81 -0.91
C GLY A 282 27.57 17.07 0.57
N GLU A 283 27.14 18.25 1.03
CA GLU A 283 27.27 18.66 2.42
C GLU A 283 25.89 18.96 2.98
N PHE A 284 25.62 18.46 4.19
CA PHE A 284 24.36 18.72 4.90
C PHE A 284 24.52 19.91 5.83
N TYR A 285 23.53 20.79 5.84
CA TYR A 285 23.51 21.94 6.75
C TYR A 285 22.14 22.01 7.42
N PHE A 286 22.15 21.94 8.76
CA PHE A 286 20.92 21.99 9.54
C PHE A 286 20.22 23.32 9.39
N ILE A 287 18.89 23.28 9.33
CA ILE A 287 18.11 24.50 9.37
C ILE A 287 16.96 24.49 10.37
N GLU A 288 16.39 23.31 10.64
CA GLU A 288 15.21 23.25 11.49
C GLU A 288 14.88 21.84 11.94
N MET A 289 14.41 21.72 13.18
CA MET A 289 13.81 20.48 13.65
C MET A 289 12.29 20.63 13.82
N ASN A 290 11.54 19.75 13.18
CA ASN A 290 10.09 19.67 13.34
C ASN A 290 9.78 18.61 14.36
N THR A 291 9.22 19.03 15.48
CA THR A 291 9.04 18.16 16.61
C THR A 291 7.63 17.59 16.60
N ARG A 292 7.34 16.79 15.57
CA ARG A 292 5.98 16.37 15.27
C ARG A 292 5.99 15.45 14.05
N ILE A 293 4.89 14.76 13.82
CA ILE A 293 4.73 14.02 12.58
C ILE A 293 4.63 15.06 11.47
N GLN A 294 5.07 14.71 10.27
CA GLN A 294 4.95 15.62 9.14
C GLN A 294 3.97 15.14 8.10
N VAL A 295 3.55 16.07 7.24
CA VAL A 295 2.64 15.78 6.11
C VAL A 295 3.16 14.61 5.31
N GLU A 296 4.46 14.63 5.02
CA GLU A 296 5.07 13.69 4.09
C GLU A 296 5.67 12.42 4.72
N HIS A 297 5.14 11.99 5.87
CA HIS A 297 5.62 10.78 6.54
C HIS A 297 5.31 9.46 5.80
N PRO A 298 4.21 9.40 5.04
CA PRO A 298 3.93 8.13 4.35
C PRO A 298 5.02 7.62 3.39
N VAL A 299 5.85 8.49 2.81
CA VAL A 299 6.95 8.00 1.95
C VAL A 299 7.99 7.21 2.76
N THR A 300 8.36 7.70 3.93
CA THR A 300 9.29 6.97 4.78
C THR A 300 8.69 5.64 5.21
N GLU A 301 7.37 5.60 5.38
CA GLU A 301 6.69 4.36 5.76
C GLU A 301 6.79 3.30 4.67
N MET A 302 6.63 3.71 3.42
CA MET A 302 6.61 2.77 2.30
C MET A 302 7.95 2.08 2.10
N ILE A 303 9.04 2.79 2.37
CA ILE A 303 10.39 2.26 2.11
C ILE A 303 11.04 1.57 3.30
N THR A 304 10.44 1.68 4.47
CA THR A 304 10.95 1.05 5.70
C THR A 304 10.05 -0.06 6.23
N GLY A 305 8.75 0.07 5.98
CA GLY A 305 7.75 -0.81 6.57
C GLY A 305 7.24 -0.39 7.94
N VAL A 306 7.77 0.71 8.49
CA VAL A 306 7.45 1.17 9.85
C VAL A 306 6.28 2.14 9.84
N ASP A 307 5.28 1.84 10.66
CA ASP A 307 4.11 2.69 10.78
C ASP A 307 4.43 3.76 11.82
N LEU A 308 4.59 5.00 11.36
CA LEU A 308 5.11 6.07 12.21
C LEU A 308 4.08 6.57 13.22
N ILE A 309 2.81 6.58 12.83
CA ILE A 309 1.76 6.98 13.75
C ILE A 309 1.62 5.96 14.86
N LYS A 310 1.60 4.68 14.51
CA LYS A 310 1.48 3.62 15.52
C LYS A 310 2.65 3.68 16.49
N GLU A 311 3.83 4.02 16.00
CA GLU A 311 5.00 4.17 16.87
C GLU A 311 4.85 5.35 17.82
N GLN A 312 4.26 6.44 17.34
CA GLN A 312 3.93 7.57 18.21
C GLN A 312 3.05 7.15 19.39
N LEU A 313 2.00 6.38 19.07
CA LEU A 313 1.02 5.97 20.08
C LEU A 313 1.66 5.02 21.09
N ARG A 314 2.49 4.11 20.58
CA ARG A 314 3.27 3.22 21.43
C ARG A 314 4.24 3.98 22.36
N ILE A 315 5.01 4.90 21.80
CA ILE A 315 5.96 5.68 22.60
C ILE A 315 5.27 6.43 23.73
N ALA A 316 4.17 7.11 23.39
CA ALA A 316 3.38 7.88 24.35
C ALA A 316 2.83 7.01 25.47
N ALA A 317 2.58 5.74 25.16
CA ALA A 317 2.10 4.79 26.16
C ALA A 317 3.19 4.15 27.02
N GLY A 318 4.46 4.47 26.79
CA GLY A 318 5.58 3.87 27.56
C GLY A 318 6.20 2.61 26.95
N GLN A 319 5.75 2.24 25.76
CA GLN A 319 6.27 1.04 25.10
C GLN A 319 7.52 1.44 24.33
N PRO A 320 8.53 0.56 24.30
CA PRO A 320 9.73 0.88 23.55
C PRO A 320 9.52 0.70 22.05
N LEU A 321 10.31 1.41 21.26
CA LEU A 321 10.29 1.27 19.82
C LEU A 321 10.20 -0.20 19.39
N SER A 322 9.35 -0.48 18.40
CA SER A 322 9.14 -1.85 17.93
C SER A 322 10.33 -2.45 17.17
N ILE A 323 11.31 -1.61 16.80
CA ILE A 323 12.45 -2.02 15.97
C ILE A 323 13.74 -1.35 16.44
N LYS A 324 14.89 -1.97 16.15
CA LYS A 324 16.18 -1.36 16.45
C LYS A 324 16.75 -0.78 15.17
N GLN A 325 17.81 0.01 15.27
CA GLN A 325 18.42 0.62 14.07
C GLN A 325 18.88 -0.43 13.06
N GLU A 326 19.43 -1.52 13.59
CA GLU A 326 19.92 -2.63 12.78
C GLU A 326 18.82 -3.31 11.94
N GLU A 327 17.57 -3.18 12.37
CA GLU A 327 16.44 -3.78 11.68
C GLU A 327 15.78 -2.85 10.64
N VAL A 328 16.31 -1.63 10.48
CA VAL A 328 15.74 -0.64 9.56
C VAL A 328 16.47 -0.65 8.21
N HIS A 329 15.79 -1.12 7.17
CA HIS A 329 16.39 -1.20 5.85
C HIS A 329 15.59 -0.39 4.84
N VAL A 330 16.32 0.43 4.08
CA VAL A 330 15.72 1.17 2.98
C VAL A 330 15.51 0.21 1.84
N ARG A 331 14.26 -0.02 1.50
CA ARG A 331 13.91 -0.92 0.42
C ARG A 331 12.95 -0.19 -0.51
N GLY A 332 13.28 -0.18 -1.79
CA GLY A 332 12.43 0.45 -2.79
C GLY A 332 12.44 1.96 -2.75
N HIS A 333 11.34 2.56 -3.18
CA HIS A 333 11.30 3.99 -3.43
C HIS A 333 9.87 4.46 -3.57
N ALA A 334 9.55 5.55 -2.86
CA ALA A 334 8.21 6.11 -2.84
C ALA A 334 8.23 7.59 -3.17
N VAL A 335 7.13 8.05 -3.77
CA VAL A 335 6.93 9.46 -4.15
C VAL A 335 5.54 9.88 -3.69
N GLU A 336 5.43 11.07 -3.10
CA GLU A 336 4.15 11.64 -2.68
C GLU A 336 3.83 12.88 -3.48
N CYS A 337 2.61 12.94 -4.02
CA CYS A 337 2.09 14.15 -4.66
C CYS A 337 0.97 14.67 -3.81
N ARG A 338 1.05 15.95 -3.45
CA ARG A 338 0.00 16.60 -2.69
C ARG A 338 -1.12 17.03 -3.61
N ILE A 339 -2.37 16.73 -3.22
CA ILE A 339 -3.52 17.18 -3.97
C ILE A 339 -4.14 18.36 -3.26
N ASN A 340 -4.19 19.50 -3.95
CA ASN A 340 -4.71 20.74 -3.39
C ASN A 340 -5.93 21.22 -4.16
N ALA A 341 -6.97 21.59 -3.42
CA ALA A 341 -8.11 22.29 -3.98
C ALA A 341 -7.64 23.72 -4.25
N GLU A 342 -7.03 23.92 -5.40
CA GLU A 342 -6.44 25.20 -5.75
C GLU A 342 -6.64 25.54 -7.21
N ASP A 343 -6.61 26.84 -7.48
CA ASP A 343 -6.75 27.37 -8.82
C ASP A 343 -5.42 27.25 -9.58
N PRO A 344 -5.49 26.78 -10.85
CA PRO A 344 -4.28 26.49 -11.60
C PRO A 344 -3.48 27.74 -12.03
N ASN A 345 -4.16 28.89 -12.09
CA ASN A 345 -3.54 30.16 -12.48
C ASN A 345 -3.25 31.11 -11.32
N THR A 346 -4.05 31.07 -10.26
CA THR A 346 -3.82 31.95 -9.09
C THR A 346 -3.07 31.26 -7.94
N PHE A 347 -3.23 29.94 -7.82
CA PHE A 347 -2.77 29.15 -6.66
C PHE A 347 -3.44 29.54 -5.34
N LEU A 348 -4.61 30.17 -5.42
CA LEU A 348 -5.44 30.45 -4.25
C LEU A 348 -6.39 29.27 -4.09
N PRO A 349 -6.73 28.92 -2.84
CA PRO A 349 -7.73 27.87 -2.63
C PRO A 349 -8.94 28.01 -3.55
N SER A 350 -9.39 26.87 -4.09
CA SER A 350 -10.66 26.74 -4.79
C SER A 350 -11.51 25.73 -4.02
N PRO A 351 -12.18 26.18 -2.94
CA PRO A 351 -13.17 25.34 -2.26
C PRO A 351 -14.45 25.16 -3.06
N GLY A 352 -15.27 24.19 -2.66
CA GLY A 352 -16.49 23.84 -3.38
C GLY A 352 -16.93 22.42 -3.11
N LYS A 353 -18.03 22.03 -3.75
CA LYS A 353 -18.59 20.68 -3.56
C LYS A 353 -18.05 19.70 -4.61
N ILE A 354 -17.45 18.61 -4.11
CA ILE A 354 -16.98 17.53 -4.98
C ILE A 354 -18.19 16.75 -5.53
N THR A 355 -18.38 16.76 -6.84
CA THR A 355 -19.55 16.12 -7.47
C THR A 355 -19.29 14.67 -7.84
N ARG A 356 -18.14 14.41 -8.42
CA ARG A 356 -17.72 13.05 -8.73
C ARG A 356 -16.33 12.83 -8.18
N PHE A 357 -16.11 11.66 -7.61
CA PHE A 357 -14.82 11.31 -7.06
C PHE A 357 -14.46 9.86 -7.33
N HIS A 358 -13.23 9.63 -7.77
CA HIS A 358 -12.71 8.28 -7.88
C HIS A 358 -11.27 8.24 -7.43
N ALA A 359 -10.97 7.30 -6.54
CA ALA A 359 -9.61 7.12 -6.05
C ALA A 359 -8.90 6.12 -6.95
N PRO A 360 -7.60 6.35 -7.20
CA PRO A 360 -6.82 5.33 -7.88
C PRO A 360 -6.54 4.15 -6.96
N GLY A 361 -6.16 3.03 -7.57
CA GLY A 361 -5.82 1.83 -6.81
C GLY A 361 -4.75 1.05 -7.50
N GLY A 362 -4.49 -0.15 -6.97
CA GLY A 362 -3.49 -1.04 -7.53
C GLY A 362 -2.30 -1.24 -6.62
N PHE A 363 -1.30 -1.91 -7.17
CA PHE A 363 -0.13 -2.34 -6.45
C PHE A 363 0.81 -1.17 -6.25
N GLY A 364 1.25 -0.96 -5.01
CA GLY A 364 2.18 0.11 -4.69
C GLY A 364 1.53 1.48 -4.57
N VAL A 365 0.20 1.54 -4.67
CA VAL A 365 -0.55 2.79 -4.66
C VAL A 365 -1.29 2.99 -3.34
N ARG A 366 -1.06 4.14 -2.72
CA ARG A 366 -1.66 4.49 -1.41
C ARG A 366 -2.25 5.89 -1.48
N TRP A 367 -3.52 5.98 -1.11
CA TRP A 367 -4.28 7.21 -1.22
C TRP A 367 -4.69 7.65 0.19
N GLU A 368 -4.24 8.84 0.58
CA GLU A 368 -4.45 9.37 1.92
C GLU A 368 -5.31 10.61 1.83
N SER A 369 -6.61 10.45 2.02
CA SER A 369 -7.53 11.57 1.92
C SER A 369 -8.89 11.28 2.55
N HIS A 370 -9.51 12.35 3.05
CA HIS A 370 -10.83 12.29 3.65
C HIS A 370 -11.93 12.50 2.60
N ILE A 371 -11.59 13.01 1.43
CA ILE A 371 -12.62 13.46 0.50
C ILE A 371 -13.45 12.32 -0.08
N TYR A 372 -14.67 12.64 -0.47
CA TYR A 372 -15.60 11.68 -1.06
C TYR A 372 -16.62 12.39 -1.93
N ALA A 373 -17.35 11.65 -2.75
CA ALA A 373 -18.34 12.25 -3.62
C ALA A 373 -19.41 12.94 -2.78
N GLY A 374 -19.59 14.24 -3.02
CA GLY A 374 -20.62 15.00 -2.33
C GLY A 374 -20.13 15.73 -1.11
N TYR A 375 -18.87 15.54 -0.75
CA TYR A 375 -18.21 16.31 0.32
C TYR A 375 -17.89 17.72 -0.16
N THR A 376 -18.19 18.71 0.69
CA THR A 376 -17.83 20.09 0.42
C THR A 376 -16.50 20.41 1.05
N VAL A 377 -15.58 20.98 0.28
CA VAL A 377 -14.33 21.49 0.84
C VAL A 377 -14.60 22.88 1.40
N PRO A 378 -14.49 23.06 2.73
CA PRO A 378 -14.74 24.38 3.29
C PRO A 378 -13.61 25.36 3.01
N PRO A 379 -13.94 26.66 2.93
CA PRO A 379 -12.95 27.71 2.67
C PRO A 379 -12.06 28.11 3.87
N TYR A 380 -12.25 27.51 5.05
CA TYR A 380 -11.67 28.07 6.29
C TYR A 380 -10.30 27.49 6.67
N TYR A 381 -9.86 26.44 5.97
CA TYR A 381 -8.61 25.73 6.29
C TYR A 381 -7.71 25.52 5.05
N ASP A 382 -6.64 24.76 5.19
CA ASP A 382 -5.64 24.61 4.12
C ASP A 382 -6.24 23.98 2.85
N SER A 383 -5.57 24.22 1.72
CA SER A 383 -6.03 23.72 0.43
C SER A 383 -5.72 22.23 0.20
N MET A 384 -4.84 21.65 1.02
CA MET A 384 -4.44 20.25 0.82
C MET A 384 -5.54 19.29 1.26
N ILE A 385 -6.32 18.83 0.28
CA ILE A 385 -7.37 17.87 0.50
C ILE A 385 -6.93 16.41 0.46
N GLY A 386 -5.71 16.11 0.00
CA GLY A 386 -5.27 14.70 -0.11
C GLY A 386 -3.81 14.47 -0.48
N LYS A 387 -3.30 13.28 -0.15
CA LYS A 387 -1.95 12.88 -0.54
C LYS A 387 -1.95 11.55 -1.29
N LEU A 388 -1.32 11.52 -2.45
CA LEU A 388 -1.17 10.32 -3.25
C LEU A 388 0.28 9.85 -3.18
N ILE A 389 0.48 8.64 -2.65
CA ILE A 389 1.80 8.08 -2.46
C ILE A 389 1.93 6.80 -3.30
N CYS A 390 3.03 6.68 -4.03
CA CYS A 390 3.25 5.52 -4.87
C CYS A 390 4.62 4.92 -4.60
N TYR A 391 4.64 3.60 -4.42
CA TYR A 391 5.85 2.89 -4.07
C TYR A 391 6.25 1.97 -5.20
N GLY A 392 7.55 1.73 -5.35
CA GLY A 392 8.10 0.88 -6.41
C GLY A 392 9.48 0.39 -6.05
N GLU A 393 9.90 -0.72 -6.66
CA GLU A 393 11.23 -1.30 -6.39
C GLU A 393 12.40 -0.35 -6.69
N ASN A 394 12.16 0.61 -7.58
CA ASN A 394 13.12 1.70 -7.85
C ASN A 394 12.37 3.01 -8.15
N ARG A 395 13.12 4.10 -8.24
CA ARG A 395 12.52 5.41 -8.45
C ARG A 395 11.69 5.46 -9.72
N ASP A 396 12.21 4.89 -10.80
CA ASP A 396 11.53 4.90 -12.10
C ASP A 396 10.19 4.19 -12.10
N VAL A 397 10.07 3.15 -11.29
CA VAL A 397 8.80 2.46 -11.14
C VAL A 397 7.86 3.31 -10.31
N ALA A 398 8.39 3.95 -9.27
CA ALA A 398 7.58 4.75 -8.38
C ALA A 398 6.94 5.89 -9.18
N ILE A 399 7.78 6.57 -9.96
CA ILE A 399 7.35 7.63 -10.84
C ILE A 399 6.25 7.16 -11.81
N ALA A 400 6.50 6.03 -12.48
CA ALA A 400 5.58 5.53 -13.50
C ALA A 400 4.23 5.16 -12.92
N ARG A 401 4.20 4.60 -11.71
CA ARG A 401 2.94 4.36 -11.00
C ARG A 401 2.23 5.66 -10.66
N MET A 402 2.98 6.69 -10.28
CA MET A 402 2.38 7.98 -9.97
C MET A 402 1.62 8.48 -11.19
N LYS A 403 2.25 8.44 -12.35
CA LYS A 403 1.66 8.97 -13.59
C LYS A 403 0.31 8.35 -13.86
N ASN A 404 0.22 7.03 -13.68
CA ASN A 404 -1.00 6.30 -13.99
C ASN A 404 -2.05 6.50 -12.91
N ALA A 405 -1.60 6.50 -11.65
CA ALA A 405 -2.49 6.78 -10.53
C ALA A 405 -3.14 8.16 -10.66
N LEU A 406 -2.38 9.15 -11.15
CA LEU A 406 -2.92 10.48 -11.37
C LEU A 406 -3.97 10.52 -12.50
N GLN A 407 -3.67 9.87 -13.63
CA GLN A 407 -4.62 9.76 -14.74
C GLN A 407 -5.95 9.15 -14.31
N GLU A 408 -5.94 8.32 -13.26
CA GLU A 408 -7.14 7.66 -12.73
C GLU A 408 -7.88 8.49 -11.71
N LEU A 409 -7.16 9.32 -10.96
CA LEU A 409 -7.75 10.15 -9.93
C LEU A 409 -8.77 11.09 -10.57
N ILE A 410 -10.01 11.01 -10.07
CA ILE A 410 -11.08 11.85 -10.53
C ILE A 410 -11.58 12.67 -9.37
N ILE A 411 -11.59 13.99 -9.56
CA ILE A 411 -12.14 14.92 -8.58
C ILE A 411 -12.80 16.07 -9.35
N ASP A 412 -14.11 15.94 -9.58
CA ASP A 412 -14.89 16.96 -10.30
C ASP A 412 -15.59 17.87 -9.31
N GLY A 413 -15.91 19.09 -9.77
CA GLY A 413 -16.63 20.09 -8.98
C GLY A 413 -15.77 21.19 -8.37
N ILE A 414 -14.47 20.96 -8.30
CA ILE A 414 -13.51 21.95 -7.82
C ILE A 414 -12.25 21.88 -8.69
N LYS A 415 -11.39 22.90 -8.64
CA LYS A 415 -10.15 22.87 -9.40
C LYS A 415 -9.08 22.27 -8.51
N THR A 416 -8.21 21.42 -9.07
CA THR A 416 -7.11 20.83 -8.31
C THR A 416 -5.80 20.90 -9.09
N ASN A 417 -4.71 20.58 -8.41
CA ASN A 417 -3.39 20.55 -9.01
C ASN A 417 -3.03 19.21 -9.64
N VAL A 418 -4.01 18.33 -9.85
CA VAL A 418 -3.71 17.04 -10.46
C VAL A 418 -2.96 17.24 -11.77
N ASP A 419 -3.45 18.11 -12.65
CA ASP A 419 -2.74 18.38 -13.91
C ASP A 419 -1.29 18.85 -13.71
N LEU A 420 -1.05 19.70 -12.72
CA LEU A 420 0.30 20.20 -12.47
C LEU A 420 1.22 19.08 -12.01
N GLN A 421 0.71 18.21 -11.14
CA GLN A 421 1.52 17.10 -10.64
C GLN A 421 1.97 16.22 -11.79
N ILE A 422 1.04 15.94 -12.70
CA ILE A 422 1.30 15.14 -13.90
C ILE A 422 2.40 15.75 -14.76
N ARG A 423 2.41 17.09 -14.87
CA ARG A 423 3.48 17.79 -15.61
C ARG A 423 4.84 17.59 -14.92
N ILE A 424 4.86 17.67 -13.60
CA ILE A 424 6.10 17.44 -12.83
C ILE A 424 6.62 16.00 -12.98
N MET A 425 5.70 15.01 -12.93
CA MET A 425 6.07 13.61 -13.17
C MET A 425 6.59 13.39 -14.61
N ASN A 426 6.14 14.21 -15.56
CA ASN A 426 6.65 14.12 -16.95
C ASN A 426 7.87 15.01 -17.19
N ASP A 427 8.24 15.80 -16.19
CA ASP A 427 9.34 16.74 -16.31
C ASP A 427 10.68 15.99 -16.33
N GLU A 428 11.43 16.19 -17.41
CA GLU A 428 12.67 15.44 -17.63
C GLU A 428 13.76 15.68 -16.59
N ASN A 429 13.72 16.80 -15.90
CA ASN A 429 14.70 17.08 -14.85
C ASN A 429 14.36 16.33 -13.57
N PHE A 430 13.08 16.29 -13.24
CA PHE A 430 12.57 15.48 -12.15
C PHE A 430 12.90 14.00 -12.37
N GLN A 431 12.87 13.54 -13.61
CA GLN A 431 13.18 12.15 -13.90
C GLN A 431 14.67 11.85 -13.74
N HIS A 432 15.51 12.84 -14.05
CA HIS A 432 16.95 12.71 -13.76
C HIS A 432 17.19 12.67 -12.25
N GLY A 433 16.39 13.43 -11.49
CA GLY A 433 16.52 13.51 -10.04
C GLY A 433 17.42 14.66 -9.60
N GLY A 434 17.31 15.02 -8.32
CA GLY A 434 18.21 15.98 -7.71
C GLY A 434 17.96 17.45 -8.00
N THR A 435 16.75 17.82 -8.40
CA THR A 435 16.44 19.23 -8.61
C THR A 435 16.48 20.02 -7.30
N ASN A 436 16.90 21.28 -7.38
CA ASN A 436 17.02 22.13 -6.18
C ASN A 436 15.70 22.79 -5.76
N ILE A 437 15.72 23.47 -4.62
CA ILE A 437 14.49 24.07 -4.06
C ILE A 437 13.88 25.21 -4.89
N HIS A 438 14.63 25.73 -5.86
CA HIS A 438 14.10 26.77 -6.73
C HIS A 438 13.58 26.24 -8.06
N TYR A 439 13.76 24.95 -8.34
CA TYR A 439 13.42 24.41 -9.66
C TYR A 439 11.95 24.61 -10.07
N LEU A 440 11.00 24.24 -9.21
CA LEU A 440 9.59 24.31 -9.60
C LEU A 440 9.17 25.74 -9.95
N GLU A 441 9.66 26.72 -9.21
CA GLU A 441 9.33 28.12 -9.48
C GLU A 441 9.97 28.65 -10.77
N LYS A 442 11.16 28.15 -11.10
CA LYS A 442 11.82 28.53 -12.36
C LYS A 442 11.20 27.84 -13.59
N LYS A 443 10.63 26.66 -13.40
CA LYS A 443 9.93 25.93 -14.48
C LYS A 443 8.61 26.62 -14.82
N LEU A 444 7.89 27.07 -13.81
CA LEU A 444 6.59 27.73 -13.99
C LEU A 444 6.75 29.22 -14.34
N GLY A 445 7.91 29.79 -14.01
CA GLY A 445 8.15 31.22 -14.18
C GLY A 445 7.51 32.04 -13.06
N LEU A 446 7.95 31.79 -11.82
CA LEU A 446 7.40 32.46 -10.64
C LEU A 446 8.48 32.88 -9.63
N MET B 1 10.43 -4.94 -24.97
CA MET B 1 9.03 -5.05 -24.46
C MET B 1 8.00 -5.04 -25.59
N LEU B 2 6.79 -5.47 -25.25
CA LEU B 2 5.69 -5.56 -26.20
C LEU B 2 5.18 -4.17 -26.58
N ASP B 3 4.88 -3.96 -27.84
CA ASP B 3 4.34 -2.68 -28.27
C ASP B 3 2.89 -2.50 -27.82
N LYS B 4 2.08 -3.52 -28.10
CA LYS B 4 0.64 -3.44 -27.93
C LYS B 4 0.11 -4.81 -27.63
N ILE B 5 -0.81 -4.90 -26.67
CA ILE B 5 -1.49 -6.15 -26.38
C ILE B 5 -3.00 -5.98 -26.29
N VAL B 6 -3.70 -7.09 -26.51
CA VAL B 6 -5.12 -7.17 -26.29
C VAL B 6 -5.32 -7.78 -24.92
N ILE B 7 -6.20 -7.18 -24.12
CA ILE B 7 -6.52 -7.76 -22.82
C ILE B 7 -7.84 -8.49 -22.93
N ALA B 8 -7.76 -9.81 -23.11
CA ALA B 8 -8.93 -10.63 -23.42
C ALA B 8 -9.63 -11.11 -22.16
N ASN B 9 -10.23 -10.16 -21.46
CA ASN B 9 -10.88 -10.39 -20.17
C ASN B 9 -11.59 -9.09 -19.76
N ARG B 10 -12.08 -9.05 -18.52
CA ARG B 10 -12.91 -7.94 -18.05
C ARG B 10 -12.72 -7.69 -16.57
N GLY B 11 -13.43 -6.68 -16.07
CA GLY B 11 -13.52 -6.44 -14.64
C GLY B 11 -12.20 -6.15 -13.96
N GLU B 12 -12.04 -6.70 -12.76
CA GLU B 12 -10.91 -6.33 -11.93
C GLU B 12 -9.63 -6.75 -12.58
N ILE B 13 -9.61 -7.96 -13.14
CA ILE B 13 -8.37 -8.49 -13.69
C ILE B 13 -7.90 -7.75 -14.92
N ALA B 14 -8.82 -7.37 -15.80
CA ALA B 14 -8.47 -6.53 -16.96
C ALA B 14 -7.82 -5.21 -16.53
N LEU B 15 -8.40 -4.55 -15.54
CA LEU B 15 -7.83 -3.34 -15.00
C LEU B 15 -6.42 -3.59 -14.46
N ARG B 16 -6.26 -4.67 -13.69
CA ARG B 16 -4.97 -5.07 -13.15
C ARG B 16 -3.91 -5.14 -14.25
N ILE B 17 -4.23 -5.84 -15.33
CA ILE B 17 -3.33 -5.98 -16.45
C ILE B 17 -3.07 -4.60 -17.10
N LEU B 18 -4.12 -3.78 -17.19
CA LEU B 18 -3.97 -2.48 -17.84
C LEU B 18 -2.92 -1.62 -17.14
N ARG B 19 -2.93 -1.62 -15.82
CA ARG B 19 -1.96 -0.84 -15.03
C ARG B 19 -0.52 -1.33 -15.25
N ALA B 20 -0.34 -2.65 -15.26
CA ALA B 20 0.97 -3.23 -15.52
C ALA B 20 1.45 -2.75 -16.89
N CYS B 21 0.55 -2.81 -17.87
CA CYS B 21 0.86 -2.36 -19.22
C CYS B 21 1.31 -0.90 -19.22
N LYS B 22 0.52 -0.01 -18.61
CA LYS B 22 0.83 1.42 -18.61
C LYS B 22 2.16 1.75 -17.93
N GLU B 23 2.53 0.98 -16.91
CA GLU B 23 3.81 1.17 -16.23
C GLU B 23 4.97 0.80 -17.15
N LEU B 24 4.78 -0.25 -17.93
CA LEU B 24 5.83 -0.72 -18.83
C LEU B 24 5.84 0.02 -20.17
N GLY B 25 4.87 0.91 -20.38
CA GLY B 25 4.74 1.63 -21.67
C GLY B 25 4.24 0.76 -22.82
N ILE B 26 3.49 -0.29 -22.47
CA ILE B 26 2.86 -1.18 -23.43
C ILE B 26 1.48 -0.65 -23.75
N LYS B 27 1.17 -0.52 -25.04
CA LYS B 27 -0.16 -0.01 -25.44
C LYS B 27 -1.23 -1.06 -25.17
N THR B 28 -2.44 -0.62 -24.89
CA THR B 28 -3.50 -1.54 -24.50
C THR B 28 -4.66 -1.53 -25.51
N VAL B 29 -5.15 -2.73 -25.82
CA VAL B 29 -6.38 -2.90 -26.54
C VAL B 29 -7.37 -3.61 -25.62
N ALA B 30 -8.45 -2.92 -25.27
CA ALA B 30 -9.51 -3.52 -24.44
C ALA B 30 -10.63 -3.99 -25.35
N VAL B 31 -10.75 -5.31 -25.48
CA VAL B 31 -11.87 -5.89 -26.19
C VAL B 31 -12.98 -6.13 -25.17
N HIS B 32 -14.21 -5.77 -25.53
CA HIS B 32 -15.33 -5.83 -24.59
C HIS B 32 -16.64 -6.19 -25.28
N SER B 33 -17.56 -6.77 -24.53
CA SER B 33 -18.96 -6.88 -24.95
C SER B 33 -19.63 -5.51 -24.89
N SER B 34 -20.70 -5.35 -25.67
CA SER B 34 -21.53 -4.13 -25.58
C SER B 34 -22.09 -3.89 -24.16
N ALA B 35 -22.23 -4.93 -23.36
CA ALA B 35 -22.65 -4.73 -21.98
C ALA B 35 -21.56 -4.09 -21.11
N ASP B 36 -20.29 -4.21 -21.52
CA ASP B 36 -19.17 -3.70 -20.73
C ASP B 36 -18.53 -2.41 -21.30
N ARG B 37 -19.29 -1.59 -22.03
CA ARG B 37 -18.75 -0.34 -22.62
C ARG B 37 -18.12 0.58 -21.58
N ASP B 38 -18.63 0.51 -20.35
CA ASP B 38 -18.21 1.41 -19.29
C ASP B 38 -17.37 0.75 -18.21
N LEU B 39 -16.75 -0.38 -18.50
CA LEU B 39 -15.76 -0.91 -17.56
C LEU B 39 -14.65 0.11 -17.37
N LYS B 40 -14.11 0.19 -16.16
CA LYS B 40 -13.04 1.14 -15.89
C LYS B 40 -11.84 0.98 -16.84
N HIS B 41 -11.39 -0.24 -17.08
CA HIS B 41 -10.24 -0.42 -17.94
C HIS B 41 -10.54 -0.05 -19.39
N VAL B 42 -11.79 -0.23 -19.82
CA VAL B 42 -12.16 0.14 -21.17
C VAL B 42 -12.01 1.64 -21.34
N LEU B 43 -12.54 2.40 -20.36
CA LEU B 43 -12.44 3.86 -20.37
C LEU B 43 -11.00 4.39 -20.30
N LEU B 44 -10.08 3.60 -19.76
CA LEU B 44 -8.67 3.98 -19.67
C LEU B 44 -7.78 3.43 -20.78
N ALA B 45 -8.27 2.47 -21.55
CA ALA B 45 -7.42 1.80 -22.55
C ALA B 45 -7.02 2.75 -23.67
N ASP B 46 -5.99 2.40 -24.41
CA ASP B 46 -5.60 3.24 -25.53
C ASP B 46 -6.55 3.05 -26.70
N GLU B 47 -6.91 1.79 -26.98
CA GLU B 47 -7.90 1.48 -28.02
C GLU B 47 -8.93 0.54 -27.45
N THR B 48 -10.15 0.64 -27.98
CA THR B 48 -11.24 -0.26 -27.60
C THR B 48 -11.89 -0.89 -28.84
N VAL B 49 -12.40 -2.11 -28.65
CA VAL B 49 -13.10 -2.85 -29.70
C VAL B 49 -14.27 -3.63 -29.11
N CYS B 50 -15.49 -3.37 -29.58
CA CYS B 50 -16.61 -4.20 -29.17
C CYS B 50 -16.52 -5.51 -29.90
N ILE B 51 -16.59 -6.62 -29.18
CA ILE B 51 -16.42 -7.95 -29.78
C ILE B 51 -17.69 -8.80 -29.71
N GLY B 52 -18.84 -8.19 -29.45
CA GLY B 52 -20.13 -8.90 -29.52
C GLY B 52 -21.05 -8.57 -28.37
N PRO B 53 -22.30 -9.08 -28.42
CA PRO B 53 -23.30 -8.80 -27.38
C PRO B 53 -22.91 -9.38 -26.02
N ALA B 54 -23.75 -9.12 -25.02
CA ALA B 54 -23.38 -9.36 -23.62
C ALA B 54 -22.91 -10.79 -23.29
N PRO B 55 -23.66 -11.81 -23.74
CA PRO B 55 -23.36 -13.15 -23.25
C PRO B 55 -21.94 -13.59 -23.59
N SER B 56 -21.29 -14.28 -22.66
CA SER B 56 -19.87 -14.53 -22.79
C SER B 56 -19.54 -15.35 -24.04
N VAL B 57 -20.37 -16.34 -24.37
CA VAL B 57 -20.15 -17.15 -25.58
C VAL B 57 -20.11 -16.30 -26.85
N LYS B 58 -20.79 -15.17 -26.83
CA LYS B 58 -20.86 -14.32 -28.00
C LYS B 58 -19.76 -13.28 -28.00
N SER B 59 -18.95 -13.22 -26.95
CA SER B 59 -17.99 -12.13 -26.76
C SER B 59 -16.65 -12.61 -26.23
N TYR B 60 -16.53 -12.72 -24.91
CA TYR B 60 -15.24 -13.01 -24.28
C TYR B 60 -14.74 -14.42 -24.57
N LEU B 61 -15.63 -15.31 -25.01
CA LEU B 61 -15.21 -16.65 -25.43
C LEU B 61 -15.21 -16.79 -26.94
N ASN B 62 -15.66 -15.74 -27.64
CA ASN B 62 -15.72 -15.76 -29.10
C ASN B 62 -14.33 -15.58 -29.69
N ILE B 63 -13.69 -16.70 -30.04
CA ILE B 63 -12.27 -16.69 -30.42
C ILE B 63 -12.02 -15.95 -31.74
N PRO B 64 -12.74 -16.31 -32.82
CA PRO B 64 -12.59 -15.54 -34.07
C PRO B 64 -12.57 -14.02 -33.86
N ALA B 65 -13.39 -13.55 -32.92
CA ALA B 65 -13.60 -12.13 -32.70
C ALA B 65 -12.44 -11.49 -31.96
N ILE B 66 -11.94 -12.18 -30.95
CA ILE B 66 -10.78 -11.71 -30.20
C ILE B 66 -9.54 -11.59 -31.08
N ILE B 67 -9.29 -12.62 -31.90
CA ILE B 67 -8.16 -12.59 -32.82
C ILE B 67 -8.33 -11.51 -33.88
N SER B 68 -9.56 -11.35 -34.35
CA SER B 68 -9.87 -10.30 -35.33
C SER B 68 -9.53 -8.92 -34.77
N ALA B 69 -9.90 -8.66 -33.53
CA ALA B 69 -9.60 -7.37 -32.89
C ALA B 69 -8.11 -7.16 -32.74
N ALA B 70 -7.40 -8.21 -32.32
CA ALA B 70 -5.95 -8.15 -32.20
C ALA B 70 -5.34 -7.81 -33.55
N GLU B 71 -5.86 -8.44 -34.61
CA GLU B 71 -5.37 -8.17 -35.97
C GLU B 71 -5.57 -6.72 -36.40
N ILE B 72 -6.80 -6.21 -36.33
CA ILE B 72 -7.07 -4.86 -36.82
C ILE B 72 -6.37 -3.76 -36.03
N THR B 73 -6.19 -3.95 -34.72
CA THR B 73 -5.53 -2.93 -33.89
C THR B 73 -4.01 -2.99 -34.00
N GLY B 74 -3.49 -4.02 -34.66
CA GLY B 74 -2.06 -4.20 -34.79
C GLY B 74 -1.42 -4.65 -33.49
N ALA B 75 -2.14 -5.41 -32.68
CA ALA B 75 -1.56 -5.93 -31.45
C ALA B 75 -0.47 -6.98 -31.77
N VAL B 76 0.44 -7.20 -30.81
CA VAL B 76 1.47 -8.24 -30.94
C VAL B 76 1.24 -9.40 -29.98
N ALA B 77 0.36 -9.24 -29.01
CA ALA B 77 0.20 -10.25 -27.96
C ALA B 77 -1.16 -10.15 -27.28
N ILE B 78 -1.50 -11.18 -26.52
CA ILE B 78 -2.82 -11.30 -25.92
C ILE B 78 -2.71 -11.92 -24.53
N HIS B 79 -3.26 -11.23 -23.53
CA HIS B 79 -3.28 -11.71 -22.15
C HIS B 79 -4.67 -12.22 -21.80
N PRO B 80 -4.79 -13.51 -21.49
CA PRO B 80 -6.12 -14.08 -21.28
C PRO B 80 -6.64 -13.95 -19.85
N GLY B 81 -5.89 -13.31 -18.97
CA GLY B 81 -6.34 -13.15 -17.57
C GLY B 81 -6.58 -14.49 -16.91
N TYR B 82 -7.59 -14.54 -16.04
CA TYR B 82 -8.08 -15.80 -15.51
C TYR B 82 -9.51 -16.04 -15.99
N GLY B 83 -9.95 -17.28 -15.85
CA GLY B 83 -11.25 -17.69 -16.35
C GLY B 83 -11.29 -17.60 -17.85
N PHE B 84 -12.49 -17.57 -18.41
CA PHE B 84 -12.70 -17.47 -19.85
C PHE B 84 -11.81 -18.42 -20.66
N LEU B 85 -10.81 -17.88 -21.35
CA LEU B 85 -10.00 -18.68 -22.26
C LEU B 85 -8.58 -18.94 -21.76
N SER B 86 -8.30 -18.65 -20.50
CA SER B 86 -6.92 -18.70 -20.01
C SER B 86 -6.35 -20.10 -20.02
N GLU B 87 -7.19 -21.11 -19.77
CA GLU B 87 -6.73 -22.50 -19.80
C GLU B 87 -7.33 -23.30 -20.96
N ASN B 88 -7.75 -22.58 -22.00
CA ASN B 88 -8.23 -23.20 -23.23
C ASN B 88 -7.05 -23.40 -24.18
N ALA B 89 -6.57 -24.62 -24.28
CA ALA B 89 -5.37 -24.90 -25.07
C ALA B 89 -5.53 -24.57 -26.56
N ASN B 90 -6.71 -24.86 -27.12
CA ASN B 90 -7.02 -24.53 -28.53
C ASN B 90 -6.83 -23.05 -28.80
N PHE B 91 -7.33 -22.21 -27.89
CA PHE B 91 -7.18 -20.78 -28.02
C PHE B 91 -5.72 -20.41 -28.00
N ALA B 92 -4.99 -20.98 -27.05
CA ALA B 92 -3.56 -20.70 -26.91
C ALA B 92 -2.79 -21.10 -28.18
N GLU B 93 -3.26 -22.13 -28.85
CA GLU B 93 -2.64 -22.59 -30.07
C GLU B 93 -3.01 -21.68 -31.25
N GLN B 94 -4.27 -21.26 -31.29
CA GLN B 94 -4.75 -20.37 -32.34
C GLN B 94 -4.03 -19.04 -32.27
N VAL B 95 -3.80 -18.56 -31.05
CA VAL B 95 -3.11 -17.30 -30.87
C VAL B 95 -1.76 -17.37 -31.54
N GLU B 96 -0.97 -18.40 -31.22
CA GLU B 96 0.38 -18.50 -31.76
C GLU B 96 0.36 -18.73 -33.27
N ARG B 97 -0.57 -19.55 -33.73
CA ARG B 97 -0.66 -19.88 -35.16
C ARG B 97 -1.12 -18.67 -35.99
N SER B 98 -1.88 -17.79 -35.36
CA SER B 98 -2.19 -16.48 -35.93
C SER B 98 -1.03 -15.47 -35.78
N GLY B 99 0.03 -15.85 -35.07
CA GLY B 99 1.27 -15.07 -35.02
C GLY B 99 1.39 -14.05 -33.90
N PHE B 100 0.56 -14.20 -32.87
CA PHE B 100 0.63 -13.38 -31.67
C PHE B 100 1.41 -14.13 -30.58
N ILE B 101 1.97 -13.39 -29.64
CA ILE B 101 2.51 -13.99 -28.44
C ILE B 101 1.33 -14.21 -27.50
N PHE B 102 1.25 -15.42 -26.97
CA PHE B 102 0.24 -15.75 -25.98
C PHE B 102 0.90 -15.54 -24.64
N ILE B 103 0.36 -14.64 -23.82
CA ILE B 103 0.95 -14.36 -22.52
C ILE B 103 0.45 -15.43 -21.56
N GLY B 104 1.15 -16.55 -21.58
CA GLY B 104 0.76 -17.74 -20.86
C GLY B 104 1.70 -18.83 -21.29
N PRO B 105 1.41 -20.09 -20.89
CA PRO B 105 2.30 -21.19 -21.22
C PRO B 105 2.01 -21.72 -22.62
N LYS B 106 2.74 -22.75 -23.03
CA LYS B 106 2.54 -23.33 -24.35
C LYS B 106 1.28 -24.18 -24.33
N ALA B 107 0.62 -24.29 -25.48
CA ALA B 107 -0.63 -25.03 -25.58
C ALA B 107 -0.53 -26.46 -25.00
N GLU B 108 0.57 -27.14 -25.29
CA GLU B 108 0.78 -28.53 -24.87
C GLU B 108 0.81 -28.66 -23.34
N THR B 109 1.28 -27.61 -22.66
CA THR B 109 1.36 -27.60 -21.20
C THR B 109 -0.01 -27.34 -20.53
N ILE B 110 -0.85 -26.56 -21.21
CA ILE B 110 -2.21 -26.35 -20.76
C ILE B 110 -2.97 -27.67 -20.85
N ARG B 111 -2.81 -28.35 -21.99
CA ARG B 111 -3.42 -29.67 -22.18
C ARG B 111 -2.95 -30.69 -21.15
N LEU B 112 -1.64 -30.77 -20.96
CA LEU B 112 -1.05 -31.76 -20.04
C LEU B 112 -1.66 -31.61 -18.67
N MET B 113 -1.65 -30.38 -18.15
CA MET B 113 -2.10 -30.10 -16.78
C MET B 113 -3.60 -29.86 -16.67
N GLY B 114 -4.30 -29.87 -17.81
CA GLY B 114 -5.76 -29.69 -17.87
C GLY B 114 -6.52 -31.00 -17.83
N ASP B 115 -5.77 -32.10 -17.88
CA ASP B 115 -6.31 -33.44 -17.85
C ASP B 115 -5.77 -34.15 -16.61
N LYS B 116 -6.70 -34.63 -15.78
CA LYS B 116 -6.35 -35.14 -14.45
C LYS B 116 -5.37 -36.31 -14.50
N VAL B 117 -5.58 -37.22 -15.45
CA VAL B 117 -4.73 -38.43 -15.54
C VAL B 117 -3.29 -38.08 -15.93
N SER B 118 -3.13 -37.29 -16.98
CA SER B 118 -1.78 -36.92 -17.46
C SER B 118 -1.09 -35.95 -16.52
N ALA B 119 -1.87 -35.07 -15.89
CA ALA B 119 -1.34 -34.14 -14.92
C ALA B 119 -0.62 -34.88 -13.78
N ILE B 120 -1.32 -35.83 -13.16
CA ILE B 120 -0.77 -36.59 -12.04
C ILE B 120 0.52 -37.30 -12.46
N ALA B 121 0.49 -37.90 -13.64
CA ALA B 121 1.61 -38.71 -14.11
C ALA B 121 2.85 -37.87 -14.36
N ALA B 122 2.66 -36.64 -14.82
CA ALA B 122 3.76 -35.68 -14.96
C ALA B 122 4.29 -35.30 -13.58
N MET B 123 3.38 -35.10 -12.63
CA MET B 123 3.75 -34.71 -11.27
C MET B 123 4.46 -35.82 -10.50
N LYS B 124 3.96 -37.05 -10.62
CA LYS B 124 4.61 -38.20 -9.98
C LYS B 124 5.99 -38.43 -10.55
N LYS B 125 6.07 -38.35 -11.87
CA LYS B 125 7.34 -38.42 -12.59
C LYS B 125 8.33 -37.34 -12.12
N ALA B 126 7.84 -36.14 -11.86
CA ALA B 126 8.70 -35.01 -11.47
C ALA B 126 9.04 -34.96 -9.97
N GLY B 127 8.32 -35.69 -9.14
CA GLY B 127 8.61 -35.75 -7.70
C GLY B 127 7.78 -34.81 -6.85
N VAL B 128 6.71 -34.29 -7.44
CA VAL B 128 5.68 -33.55 -6.73
C VAL B 128 4.70 -34.58 -6.16
N PRO B 129 4.50 -34.60 -4.83
CA PRO B 129 3.73 -35.64 -4.20
C PRO B 129 2.24 -35.53 -4.47
N CYS B 130 1.60 -36.67 -4.66
CA CYS B 130 0.18 -36.74 -4.97
C CYS B 130 -0.53 -37.62 -3.95
N VAL B 131 -1.84 -37.80 -4.15
CA VAL B 131 -2.66 -38.64 -3.28
C VAL B 131 -2.30 -40.11 -3.49
N PRO B 132 -1.81 -40.79 -2.44
CA PRO B 132 -1.46 -42.20 -2.63
C PRO B 132 -2.70 -43.04 -2.85
N GLY B 133 -2.63 -43.99 -3.78
CA GLY B 133 -3.77 -44.85 -4.09
C GLY B 133 -3.34 -46.28 -4.39
N SER B 134 -4.10 -46.95 -5.24
CA SER B 134 -3.78 -48.31 -5.67
C SER B 134 -2.90 -48.34 -6.94
N ASP B 135 -2.98 -47.27 -7.74
CA ASP B 135 -2.24 -47.17 -9.00
C ASP B 135 -2.63 -48.31 -9.95
N GLY B 136 -3.89 -48.28 -10.40
CA GLY B 136 -4.48 -49.35 -11.20
C GLY B 136 -5.77 -49.88 -10.56
N PRO B 137 -6.11 -51.16 -10.80
CA PRO B 137 -7.19 -51.87 -10.09
C PRO B 137 -6.72 -52.73 -8.90
N LEU B 138 -7.67 -53.32 -8.17
CA LEU B 138 -7.38 -54.07 -6.93
C LEU B 138 -7.52 -55.59 -7.11
N GLY B 139 -7.19 -56.33 -6.05
CA GLY B 139 -7.33 -57.79 -6.01
C GLY B 139 -7.89 -58.27 -4.68
N ASP B 140 -8.65 -59.37 -4.72
CA ASP B 140 -9.30 -59.94 -3.54
C ASP B 140 -8.35 -60.01 -2.35
N ASP B 141 -7.19 -60.62 -2.59
CA ASP B 141 -6.27 -61.03 -1.53
C ASP B 141 -6.18 -59.97 -0.42
N MET B 142 -6.54 -60.39 0.80
CA MET B 142 -6.49 -59.52 1.97
C MET B 142 -5.05 -59.19 2.38
N ASP B 143 -4.14 -60.13 2.14
CA ASP B 143 -2.72 -59.96 2.50
C ASP B 143 -2.02 -58.85 1.69
N LYS B 144 -2.73 -58.26 0.73
CA LYS B 144 -2.27 -57.05 0.05
C LYS B 144 -3.15 -55.82 0.37
N ASN B 145 -4.48 -55.99 0.39
CA ASN B 145 -5.39 -54.87 0.68
C ASN B 145 -5.29 -54.35 2.12
N ARG B 146 -5.03 -55.24 3.09
CA ARG B 146 -4.74 -54.83 4.48
C ARG B 146 -3.46 -54.01 4.56
N ALA B 147 -2.42 -54.47 3.87
CA ALA B 147 -1.13 -53.78 3.80
C ALA B 147 -1.18 -52.50 2.95
N ILE B 148 -1.95 -52.54 1.86
CA ILE B 148 -2.15 -51.35 1.00
C ILE B 148 -2.93 -50.28 1.76
N ALA B 149 -3.98 -50.70 2.45
CA ALA B 149 -4.71 -49.81 3.34
C ALA B 149 -3.81 -49.27 4.44
N LYS B 150 -2.91 -50.10 4.96
CA LYS B 150 -1.95 -49.66 5.97
C LYS B 150 -0.94 -48.68 5.38
N ARG B 151 -0.32 -49.07 4.26
CA ARG B 151 0.72 -48.26 3.63
C ARG B 151 0.19 -46.86 3.32
N ILE B 152 -1.02 -46.81 2.79
CA ILE B 152 -1.77 -45.56 2.66
C ILE B 152 -2.06 -44.97 4.05
N GLY B 153 -2.64 -45.80 4.93
CA GLY B 153 -3.04 -45.38 6.26
C GLY B 153 -4.51 -44.96 6.27
N TYR B 154 -5.25 -45.38 7.28
CA TYR B 154 -6.68 -45.08 7.37
C TYR B 154 -6.85 -43.61 7.76
N PRO B 155 -7.92 -42.96 7.30
CA PRO B 155 -9.01 -43.45 6.48
C PRO B 155 -8.73 -43.42 4.98
N VAL B 156 -9.56 -44.14 4.22
CA VAL B 156 -9.40 -44.27 2.77
C VAL B 156 -10.76 -44.32 2.06
N ILE B 157 -10.83 -43.74 0.87
CA ILE B 157 -12.04 -43.83 0.03
C ILE B 157 -11.80 -44.78 -1.10
N ILE B 158 -12.89 -45.15 -1.76
CA ILE B 158 -12.84 -46.04 -2.91
C ILE B 158 -13.64 -45.39 -4.05
N LYS B 159 -12.92 -45.01 -5.11
CA LYS B 159 -13.51 -44.54 -6.36
C LYS B 159 -13.35 -45.67 -7.40
N ALA B 160 -13.96 -45.50 -8.57
CA ALA B 160 -13.90 -46.53 -9.62
C ALA B 160 -13.97 -45.97 -11.04
N SER B 161 -13.67 -46.84 -12.02
CA SER B 161 -13.60 -46.48 -13.44
C SER B 161 -14.36 -45.22 -13.81
N ARG B 170 -17.83 -44.52 0.38
CA ARG B 170 -17.78 -44.59 1.84
C ARG B 170 -16.32 -44.56 2.30
N VAL B 171 -16.10 -44.78 3.59
CA VAL B 171 -14.77 -44.63 4.19
C VAL B 171 -14.51 -45.72 5.25
N VAL B 172 -13.27 -46.20 5.31
CA VAL B 172 -12.86 -47.24 6.27
C VAL B 172 -12.02 -46.64 7.40
N ARG B 173 -12.01 -47.28 8.57
CA ARG B 173 -11.23 -46.77 9.73
C ARG B 173 -10.66 -47.87 10.64
N GLY B 174 -10.21 -48.99 10.06
CA GLY B 174 -9.59 -50.06 10.85
C GLY B 174 -9.69 -51.44 10.21
N ASP B 175 -9.31 -52.47 10.96
CA ASP B 175 -9.40 -53.86 10.50
C ASP B 175 -10.85 -54.38 10.53
N ALA B 176 -11.50 -54.23 11.69
CA ALA B 176 -12.79 -54.89 11.99
C ALA B 176 -13.85 -54.81 10.88
N GLU B 177 -13.96 -53.66 10.22
CA GLU B 177 -14.92 -53.48 9.12
C GLU B 177 -14.23 -53.14 7.79
N LEU B 178 -12.97 -53.54 7.65
CA LEU B 178 -12.22 -53.32 6.42
C LEU B 178 -12.79 -54.14 5.28
N ALA B 179 -12.97 -55.44 5.54
CA ALA B 179 -13.43 -56.41 4.54
C ALA B 179 -14.82 -56.09 4.00
N GLN B 180 -15.84 -56.20 4.85
CA GLN B 180 -17.24 -55.96 4.43
C GLN B 180 -17.58 -54.47 4.35
N SER B 181 -16.70 -53.72 3.67
CA SER B 181 -16.90 -52.30 3.36
C SER B 181 -16.42 -52.02 1.93
N ILE B 182 -15.25 -52.55 1.59
CA ILE B 182 -14.74 -52.51 0.23
C ILE B 182 -15.62 -53.39 -0.66
N SER B 183 -15.96 -54.59 -0.15
CA SER B 183 -16.80 -55.55 -0.87
C SER B 183 -18.20 -55.00 -1.14
N MET B 184 -18.64 -54.07 -0.31
CA MET B 184 -19.92 -53.41 -0.50
C MET B 184 -19.83 -52.26 -1.52
N THR B 185 -18.65 -52.11 -2.12
CA THR B 185 -18.38 -51.07 -3.12
C THR B 185 -18.10 -51.66 -4.51
N ARG B 186 -17.38 -52.78 -4.54
CA ARG B 186 -17.20 -53.56 -5.77
C ARG B 186 -18.54 -53.99 -6.34
N ALA B 187 -19.29 -54.75 -5.55
CA ALA B 187 -20.63 -55.21 -5.93
C ALA B 187 -21.59 -54.05 -6.16
N GLU B 188 -21.28 -52.88 -5.58
CA GLU B 188 -22.05 -51.66 -5.78
C GLU B 188 -21.59 -50.86 -7.01
N ALA B 189 -20.34 -51.06 -7.40
CA ALA B 189 -19.77 -50.33 -8.53
C ALA B 189 -18.61 -51.10 -9.15
N VAL B 198 -12.29 -50.88 -10.09
CA VAL B 198 -12.16 -49.98 -8.95
C VAL B 198 -10.71 -49.54 -8.73
N TYR B 199 -10.50 -48.58 -7.81
CA TYR B 199 -9.15 -48.15 -7.40
C TYR B 199 -9.16 -47.45 -6.03
N MET B 200 -8.22 -47.83 -5.15
CA MET B 200 -8.05 -47.19 -3.84
C MET B 200 -7.54 -45.75 -3.96
N GLU B 201 -7.80 -44.97 -2.92
CA GLU B 201 -7.26 -43.61 -2.81
C GLU B 201 -7.35 -43.18 -1.35
N LYS B 202 -6.29 -42.55 -0.83
CA LYS B 202 -6.31 -42.04 0.54
C LYS B 202 -7.37 -40.95 0.64
N TYR B 203 -8.14 -40.97 1.73
CA TYR B 203 -9.16 -39.95 1.94
C TYR B 203 -8.65 -38.89 2.90
N LEU B 204 -8.73 -37.65 2.46
CA LEU B 204 -8.20 -36.53 3.21
C LEU B 204 -9.36 -35.75 3.82
N GLU B 205 -9.67 -36.07 5.07
CA GLU B 205 -10.88 -35.60 5.73
C GLU B 205 -10.85 -34.13 6.12
N ASN B 206 -9.79 -33.71 6.80
CA ASN B 206 -9.72 -32.34 7.31
C ASN B 206 -8.45 -31.58 6.90
N PRO B 207 -8.27 -31.42 5.58
CA PRO B 207 -7.08 -30.75 5.06
C PRO B 207 -7.29 -29.26 4.85
N ARG B 208 -6.17 -28.58 4.59
CA ARG B 208 -6.17 -27.20 4.17
C ARG B 208 -5.79 -27.13 2.69
N HIS B 209 -6.13 -26.01 2.07
CA HIS B 209 -5.79 -25.73 0.68
C HIS B 209 -4.56 -24.85 0.68
N VAL B 210 -3.42 -25.40 0.33
CA VAL B 210 -2.19 -24.64 0.30
C VAL B 210 -1.62 -24.71 -1.10
N GLU B 211 -1.25 -23.58 -1.67
CA GLU B 211 -0.80 -23.55 -3.05
C GLU B 211 0.49 -22.76 -3.20
N ILE B 212 1.32 -23.18 -4.14
CA ILE B 212 2.63 -22.56 -4.33
C ILE B 212 2.61 -21.76 -5.63
N GLN B 213 2.97 -20.50 -5.54
CA GLN B 213 3.06 -19.65 -6.73
C GLN B 213 4.41 -19.88 -7.37
N VAL B 214 4.44 -19.99 -8.69
CA VAL B 214 5.71 -20.07 -9.41
C VAL B 214 5.76 -19.13 -10.61
N LEU B 215 7.01 -18.86 -11.02
CA LEU B 215 7.35 -18.18 -12.25
C LEU B 215 8.43 -18.99 -12.96
N ALA B 216 8.32 -19.08 -14.28
CA ALA B 216 9.30 -19.76 -15.09
C ALA B 216 9.40 -19.05 -16.42
N ASP B 217 10.61 -18.93 -16.97
CA ASP B 217 10.81 -18.21 -18.24
C ASP B 217 10.67 -19.08 -19.49
N GLY B 218 10.57 -20.39 -19.30
CA GLY B 218 10.49 -21.32 -20.42
C GLY B 218 11.84 -21.53 -21.08
N GLN B 219 12.88 -21.00 -20.45
CA GLN B 219 14.24 -21.03 -20.96
C GLN B 219 15.13 -21.77 -19.97
N GLY B 220 14.53 -22.56 -19.07
CA GLY B 220 15.28 -23.35 -18.10
C GLY B 220 15.16 -22.92 -16.65
N ASN B 221 14.96 -21.62 -16.40
CA ASN B 221 14.86 -21.13 -15.03
C ASN B 221 13.41 -21.12 -14.51
N ALA B 222 13.28 -21.29 -13.20
CA ALA B 222 11.99 -21.33 -12.55
C ALA B 222 12.15 -21.09 -11.05
N ILE B 223 11.26 -20.28 -10.48
CA ILE B 223 11.30 -20.01 -9.04
C ILE B 223 9.93 -20.13 -8.42
N TYR B 224 9.93 -20.23 -7.10
CA TYR B 224 8.68 -20.27 -6.31
C TYR B 224 8.63 -19.07 -5.37
N LEU B 225 7.41 -18.63 -5.08
CA LEU B 225 7.18 -17.42 -4.31
C LEU B 225 6.27 -17.75 -3.16
N ALA B 226 6.80 -18.57 -2.27
CA ALA B 226 6.10 -18.97 -1.07
C ALA B 226 4.74 -19.58 -1.42
N GLU B 227 3.83 -19.57 -0.45
CA GLU B 227 2.55 -20.24 -0.58
C GLU B 227 1.39 -19.37 -0.12
N ARG B 228 0.20 -19.77 -0.50
CA ARG B 228 -1.02 -19.13 -0.04
C ARG B 228 -1.90 -20.20 0.60
N ASP B 229 -2.57 -19.84 1.69
CA ASP B 229 -3.64 -20.67 2.22
C ASP B 229 -4.95 -20.10 1.73
N CYS B 230 -5.72 -20.90 1.00
CA CYS B 230 -7.02 -20.49 0.48
C CYS B 230 -8.15 -21.38 0.99
N SER B 231 -8.10 -21.71 2.28
CA SER B 231 -9.00 -22.73 2.86
C SER B 231 -10.45 -22.28 3.10
N MET B 232 -10.70 -20.98 3.22
CA MET B 232 -12.08 -20.51 3.42
C MET B 232 -12.81 -20.55 2.08
N GLN B 233 -13.74 -21.49 1.96
CA GLN B 233 -14.38 -21.80 0.69
C GLN B 233 -15.89 -22.00 0.82
N ARG B 234 -16.61 -21.78 -0.29
CA ARG B 234 -18.03 -22.10 -0.37
C ARG B 234 -18.37 -22.64 -1.76
N ARG B 235 -19.02 -23.80 -1.78
CA ARG B 235 -19.19 -24.58 -3.02
C ARG B 235 -17.86 -24.65 -3.78
N HIS B 236 -16.81 -25.00 -3.02
CA HIS B 236 -15.46 -25.20 -3.57
C HIS B 236 -14.85 -23.94 -4.21
N GLN B 237 -15.49 -22.78 -4.02
CA GLN B 237 -14.95 -21.51 -4.49
C GLN B 237 -14.32 -20.75 -3.32
N LYS B 238 -13.19 -20.11 -3.57
CA LYS B 238 -12.44 -19.45 -2.50
C LYS B 238 -13.07 -18.10 -2.12
N VAL B 239 -13.04 -17.77 -0.83
CA VAL B 239 -13.66 -16.56 -0.29
C VAL B 239 -12.61 -15.63 0.34
N VAL B 240 -11.69 -16.21 1.12
CA VAL B 240 -10.55 -15.52 1.67
C VAL B 240 -9.27 -16.23 1.27
N GLU B 241 -8.22 -15.48 0.97
CA GLU B 241 -6.88 -16.06 0.78
C GLU B 241 -5.84 -15.29 1.60
N GLU B 242 -4.74 -15.95 1.97
CA GLU B 242 -3.67 -15.30 2.71
C GLU B 242 -2.29 -15.88 2.41
N ALA B 243 -1.26 -15.06 2.62
CA ALA B 243 0.13 -15.47 2.48
C ALA B 243 1.01 -14.84 3.55
N PRO B 244 1.97 -15.60 4.09
CA PRO B 244 2.20 -17.02 3.86
C PRO B 244 1.08 -17.83 4.51
N ALA B 245 1.13 -19.15 4.37
CA ALA B 245 0.18 -20.01 5.10
C ALA B 245 0.69 -20.13 6.53
N PRO B 246 -0.17 -19.90 7.52
CA PRO B 246 0.18 -20.12 8.93
C PRO B 246 0.68 -21.54 9.24
N GLY B 247 1.61 -21.64 10.18
CA GLY B 247 2.09 -22.93 10.65
C GLY B 247 2.97 -23.68 9.67
N ILE B 248 3.29 -23.06 8.53
CA ILE B 248 4.21 -23.62 7.54
C ILE B 248 5.61 -23.06 7.80
N THR B 249 6.57 -23.95 8.03
CA THR B 249 7.93 -23.53 8.39
C THR B 249 8.74 -23.30 7.12
N PRO B 250 9.86 -22.54 7.24
CA PRO B 250 10.71 -22.31 6.08
C PRO B 250 11.26 -23.58 5.42
N GLU B 251 11.60 -24.60 6.19
CA GLU B 251 12.13 -25.86 5.61
C GLU B 251 11.03 -26.60 4.83
N LEU B 252 9.79 -26.46 5.28
CA LEU B 252 8.66 -27.13 4.63
C LEU B 252 8.22 -26.33 3.39
N ARG B 253 8.28 -25.01 3.49
CA ARG B 253 8.14 -24.14 2.32
C ARG B 253 9.18 -24.50 1.29
N ARG B 254 10.42 -24.62 1.75
CA ARG B 254 11.56 -24.91 0.90
C ARG B 254 11.44 -26.28 0.23
N TYR B 255 10.90 -27.26 0.96
CA TYR B 255 10.72 -28.61 0.44
C TYR B 255 9.72 -28.64 -0.71
N ILE B 256 8.50 -28.15 -0.48
CA ILE B 256 7.46 -28.17 -1.51
C ILE B 256 7.76 -27.16 -2.64
N GLY B 257 8.43 -26.07 -2.29
CA GLY B 257 8.80 -25.05 -3.26
C GLY B 257 9.78 -25.54 -4.31
N GLU B 258 10.85 -26.19 -3.87
CA GLU B 258 11.84 -26.75 -4.80
C GLU B 258 11.24 -27.80 -5.73
N ARG B 259 10.37 -28.65 -5.20
CA ARG B 259 9.69 -29.65 -6.01
C ARG B 259 8.86 -29.01 -7.12
N CYS B 260 8.17 -27.93 -6.78
CA CYS B 260 7.36 -27.23 -7.78
C CYS B 260 8.22 -26.61 -8.88
N ALA B 261 9.32 -25.98 -8.49
CA ALA B 261 10.26 -25.40 -9.44
C ALA B 261 10.88 -26.47 -10.38
N LYS B 262 11.25 -27.61 -9.83
CA LYS B 262 11.77 -28.72 -10.63
C LYS B 262 10.71 -29.21 -11.60
N ALA B 263 9.47 -29.30 -11.13
CA ALA B 263 8.33 -29.66 -11.98
C ALA B 263 8.19 -28.69 -13.15
N CYS B 264 8.35 -27.40 -12.89
CA CYS B 264 8.30 -26.42 -13.95
C CYS B 264 9.34 -26.74 -15.03
N VAL B 265 10.56 -27.07 -14.60
CA VAL B 265 11.62 -27.40 -15.53
C VAL B 265 11.26 -28.67 -16.29
N ASP B 266 10.81 -29.69 -15.56
CA ASP B 266 10.51 -30.98 -16.18
C ASP B 266 9.44 -30.88 -17.27
N ILE B 267 8.42 -30.04 -17.08
CA ILE B 267 7.35 -29.87 -18.08
C ILE B 267 7.57 -28.70 -19.05
N GLY B 268 8.67 -27.96 -18.86
CA GLY B 268 8.99 -26.80 -19.68
C GLY B 268 7.94 -25.71 -19.55
N TYR B 269 7.54 -25.43 -18.31
CA TYR B 269 6.52 -24.43 -18.04
C TYR B 269 7.00 -23.04 -18.43
N ARG B 270 6.05 -22.17 -18.79
CA ARG B 270 6.37 -20.80 -19.17
C ARG B 270 5.36 -19.81 -18.61
N GLY B 271 5.86 -18.91 -17.76
CA GLY B 271 5.05 -17.83 -17.20
C GLY B 271 4.67 -18.09 -15.76
N ALA B 272 3.58 -17.45 -15.33
CA ALA B 272 3.07 -17.63 -13.98
C ALA B 272 2.16 -18.85 -13.94
N GLY B 273 2.24 -19.59 -12.84
CA GLY B 273 1.32 -20.69 -12.62
C GLY B 273 1.26 -21.02 -11.14
N THR B 274 0.29 -21.84 -10.76
CA THR B 274 0.12 -22.19 -9.37
C THR B 274 -0.07 -23.68 -9.23
N PHE B 275 0.60 -24.26 -8.23
CA PHE B 275 0.46 -25.66 -7.88
C PHE B 275 -0.40 -25.73 -6.61
N GLU B 276 -1.61 -26.29 -6.74
CA GLU B 276 -2.54 -26.37 -5.61
C GLU B 276 -2.44 -27.70 -4.91
N PHE B 277 -2.38 -27.68 -3.58
CA PHE B 277 -2.25 -28.89 -2.79
C PHE B 277 -3.28 -28.90 -1.69
N LEU B 278 -3.67 -30.11 -1.28
CA LEU B 278 -4.26 -30.32 0.04
C LEU B 278 -3.14 -30.61 1.04
N PHE B 279 -3.25 -30.03 2.24
CA PHE B 279 -2.22 -30.16 3.26
C PHE B 279 -2.82 -30.71 4.57
N GLU B 280 -2.48 -31.94 4.91
CA GLU B 280 -3.00 -32.59 6.12
C GLU B 280 -1.89 -33.28 6.92
N ASN B 281 -1.79 -32.94 8.20
CA ASN B 281 -0.80 -33.54 9.09
C ASN B 281 0.63 -33.41 8.55
N GLY B 282 1.03 -32.19 8.21
CA GLY B 282 2.40 -31.92 7.76
C GLY B 282 2.80 -32.53 6.43
N GLU B 283 1.83 -32.79 5.55
CA GLU B 283 2.07 -33.51 4.29
C GLU B 283 1.30 -32.87 3.14
N PHE B 284 1.97 -32.63 2.01
CA PHE B 284 1.32 -32.05 0.84
C PHE B 284 0.83 -33.13 -0.11
N TYR B 285 -0.33 -32.89 -0.73
CA TYR B 285 -0.85 -33.77 -1.77
C TYR B 285 -1.41 -32.92 -2.91
N PHE B 286 -0.94 -33.19 -4.12
CA PHE B 286 -1.25 -32.38 -5.29
C PHE B 286 -2.70 -32.54 -5.77
N ILE B 287 -3.36 -31.42 -6.03
CA ILE B 287 -4.71 -31.40 -6.61
C ILE B 287 -4.61 -31.12 -8.11
N GLU B 288 -4.21 -29.88 -8.43
CA GLU B 288 -4.07 -29.45 -9.82
C GLU B 288 -3.16 -28.25 -9.94
N MET B 289 -2.70 -28.03 -11.17
CA MET B 289 -1.94 -26.86 -11.51
C MET B 289 -2.77 -25.94 -12.38
N ASN B 290 -2.86 -24.69 -11.93
CA ASN B 290 -3.51 -23.65 -12.67
C ASN B 290 -2.47 -22.98 -13.56
N THR B 291 -2.64 -23.15 -14.87
CA THR B 291 -1.63 -22.72 -15.83
C THR B 291 -1.86 -21.27 -16.29
N ARG B 292 -1.86 -20.37 -15.32
CA ARG B 292 -2.27 -18.99 -15.53
C ARG B 292 -2.07 -18.18 -14.25
N ILE B 293 -2.30 -16.88 -14.32
CA ILE B 293 -2.40 -16.06 -13.12
C ILE B 293 -3.69 -16.43 -12.39
N GLN B 294 -3.68 -16.34 -11.07
CA GLN B 294 -4.89 -16.57 -10.28
C GLN B 294 -5.44 -15.28 -9.73
N VAL B 295 -6.72 -15.34 -9.36
CA VAL B 295 -7.40 -14.26 -8.67
C VAL B 295 -6.57 -13.75 -7.49
N GLU B 296 -6.14 -14.67 -6.64
CA GLU B 296 -5.51 -14.31 -5.37
C GLU B 296 -4.01 -13.95 -5.44
N HIS B 297 -3.46 -13.72 -6.64
CA HIS B 297 -2.04 -13.39 -6.79
C HIS B 297 -1.53 -12.17 -6.00
N PRO B 298 -2.37 -11.16 -5.75
CA PRO B 298 -1.86 -10.01 -5.01
C PRO B 298 -1.24 -10.24 -3.63
N VAL B 299 -1.75 -11.22 -2.88
CA VAL B 299 -1.21 -11.48 -1.53
C VAL B 299 0.23 -11.93 -1.60
N THR B 300 0.53 -12.76 -2.59
CA THR B 300 1.89 -13.20 -2.81
C THR B 300 2.75 -12.01 -3.21
N GLU B 301 2.21 -11.12 -4.04
CA GLU B 301 2.95 -9.92 -4.43
C GLU B 301 3.26 -9.05 -3.24
N MET B 302 2.34 -9.00 -2.27
CA MET B 302 2.54 -8.15 -1.11
C MET B 302 3.75 -8.62 -0.27
N ILE B 303 3.91 -9.93 -0.12
CA ILE B 303 4.92 -10.47 0.79
C ILE B 303 6.30 -10.67 0.15
N THR B 304 6.39 -10.67 -1.19
CA THR B 304 7.67 -10.79 -1.90
C THR B 304 8.10 -9.52 -2.62
N GLY B 305 7.17 -8.63 -2.91
CA GLY B 305 7.49 -7.42 -3.69
C GLY B 305 7.62 -7.64 -5.20
N VAL B 306 7.24 -8.83 -5.67
CA VAL B 306 7.31 -9.16 -7.08
C VAL B 306 5.99 -8.79 -7.76
N ASP B 307 6.08 -8.09 -8.88
CA ASP B 307 4.89 -7.77 -9.66
C ASP B 307 4.63 -8.92 -10.63
N LEU B 308 3.73 -9.81 -10.24
CA LEU B 308 3.50 -11.04 -10.98
C LEU B 308 3.06 -10.80 -12.43
N ILE B 309 2.18 -9.82 -12.64
CA ILE B 309 1.72 -9.46 -13.98
C ILE B 309 2.84 -8.83 -14.82
N LYS B 310 3.59 -7.90 -14.25
CA LYS B 310 4.73 -7.35 -15.00
C LYS B 310 5.71 -8.45 -15.40
N GLU B 311 5.93 -9.41 -14.51
CA GLU B 311 6.79 -10.55 -14.81
C GLU B 311 6.22 -11.42 -15.94
N GLN B 312 4.91 -11.60 -15.98
CA GLN B 312 4.30 -12.34 -17.08
C GLN B 312 4.67 -11.69 -18.40
N LEU B 313 4.53 -10.36 -18.43
CA LEU B 313 4.70 -9.60 -19.65
C LEU B 313 6.16 -9.62 -20.07
N ARG B 314 7.07 -9.53 -19.09
CA ARG B 314 8.51 -9.64 -19.36
C ARG B 314 8.88 -10.99 -19.98
N ILE B 315 8.27 -12.05 -19.47
CA ILE B 315 8.56 -13.39 -19.94
C ILE B 315 8.05 -13.58 -21.37
N ALA B 316 6.80 -13.22 -21.59
CA ALA B 316 6.22 -13.31 -22.93
C ALA B 316 7.03 -12.49 -23.96
N ALA B 317 7.65 -11.39 -23.50
CA ALA B 317 8.63 -10.66 -24.31
C ALA B 317 9.98 -11.39 -24.51
N GLY B 318 10.10 -12.63 -24.04
CA GLY B 318 11.28 -13.43 -24.31
C GLY B 318 12.46 -13.18 -23.41
N GLN B 319 12.28 -12.36 -22.37
CA GLN B 319 13.32 -12.16 -21.37
C GLN B 319 13.36 -13.36 -20.41
N PRO B 320 14.57 -13.73 -19.94
CA PRO B 320 14.69 -14.75 -18.92
C PRO B 320 14.48 -14.13 -17.56
N LEU B 321 14.19 -14.95 -16.56
CA LEU B 321 13.98 -14.47 -15.20
C LEU B 321 15.19 -13.65 -14.73
N SER B 322 14.89 -12.47 -14.17
CA SER B 322 15.90 -11.58 -13.58
C SER B 322 16.05 -11.88 -12.10
N ILE B 323 15.05 -12.54 -11.53
CA ILE B 323 15.04 -12.91 -10.10
C ILE B 323 15.69 -14.28 -9.93
N LYS B 324 16.62 -14.41 -8.99
CA LYS B 324 17.11 -15.73 -8.56
C LYS B 324 16.40 -16.17 -7.28
N GLN B 325 16.35 -17.47 -7.00
CA GLN B 325 15.61 -17.98 -5.85
C GLN B 325 16.12 -17.42 -4.51
N GLU B 326 17.44 -17.29 -4.39
CA GLU B 326 18.03 -16.72 -3.18
C GLU B 326 17.53 -15.28 -2.91
N GLU B 327 17.17 -14.57 -3.98
CA GLU B 327 16.73 -13.17 -3.87
C GLU B 327 15.27 -13.02 -3.47
N VAL B 328 14.50 -14.12 -3.49
CA VAL B 328 13.10 -14.08 -3.08
C VAL B 328 13.02 -14.18 -1.57
N HIS B 329 12.34 -13.23 -0.93
CA HIS B 329 12.23 -13.20 0.53
C HIS B 329 10.79 -12.94 0.98
N VAL B 330 10.36 -13.67 2.00
CA VAL B 330 9.01 -13.54 2.55
C VAL B 330 9.05 -12.54 3.71
N ARG B 331 8.43 -11.39 3.50
CA ARG B 331 8.30 -10.38 4.53
C ARG B 331 6.83 -10.19 4.83
N GLY B 332 6.50 -10.15 6.11
CA GLY B 332 5.16 -9.83 6.58
C GLY B 332 4.10 -10.82 6.15
N HIS B 333 2.86 -10.35 6.17
CA HIS B 333 1.71 -11.18 5.97
C HIS B 333 0.62 -10.39 5.27
N ALA B 334 -0.13 -11.04 4.39
CA ALA B 334 -1.23 -10.37 3.70
C ALA B 334 -2.44 -11.27 3.55
N VAL B 335 -3.61 -10.65 3.55
CA VAL B 335 -4.89 -11.35 3.46
C VAL B 335 -5.73 -10.70 2.38
N GLU B 336 -6.47 -11.51 1.64
CA GLU B 336 -7.37 -11.02 0.61
C GLU B 336 -8.79 -11.41 0.93
N CYS B 337 -9.68 -10.43 0.94
CA CYS B 337 -11.12 -10.68 1.02
C CYS B 337 -11.73 -10.34 -0.32
N ARG B 338 -12.39 -11.32 -0.92
CA ARG B 338 -13.05 -11.11 -2.20
C ARG B 338 -14.34 -10.36 -1.96
N ILE B 339 -14.68 -9.46 -2.86
CA ILE B 339 -15.93 -8.72 -2.75
C ILE B 339 -16.80 -9.19 -3.88
N ASN B 340 -17.95 -9.72 -3.51
CA ASN B 340 -18.85 -10.38 -4.41
C ASN B 340 -20.18 -9.65 -4.35
N ALA B 341 -20.79 -9.39 -5.50
CA ALA B 341 -22.11 -8.75 -5.57
C ALA B 341 -23.21 -9.80 -5.40
N GLU B 342 -23.46 -10.16 -4.15
CA GLU B 342 -24.40 -11.22 -3.82
C GLU B 342 -24.85 -10.98 -2.39
N ASP B 343 -26.04 -11.45 -2.06
CA ASP B 343 -26.53 -11.39 -0.68
C ASP B 343 -25.57 -12.14 0.26
N PRO B 344 -25.24 -11.55 1.42
CA PRO B 344 -24.27 -12.18 2.34
C PRO B 344 -24.79 -13.38 3.12
N ASN B 345 -26.10 -13.64 3.08
CA ASN B 345 -26.70 -14.80 3.76
C ASN B 345 -27.20 -15.86 2.79
N THR B 346 -27.95 -15.44 1.77
CA THR B 346 -28.55 -16.36 0.78
C THR B 346 -27.67 -16.58 -0.46
N PHE B 347 -26.83 -15.59 -0.76
CA PHE B 347 -25.93 -15.63 -1.92
C PHE B 347 -26.64 -15.52 -3.27
N LEU B 348 -27.81 -14.89 -3.26
CA LEU B 348 -28.50 -14.47 -4.47
C LEU B 348 -27.68 -13.41 -5.17
N PRO B 349 -27.36 -13.61 -6.45
CA PRO B 349 -26.59 -12.58 -7.13
C PRO B 349 -27.28 -11.22 -7.07
N SER B 350 -26.49 -10.16 -6.95
CA SER B 350 -27.00 -8.81 -6.84
C SER B 350 -26.38 -7.89 -7.92
N PRO B 351 -26.79 -8.06 -9.18
CA PRO B 351 -26.38 -7.10 -10.18
C PRO B 351 -27.25 -5.85 -10.05
N GLY B 352 -26.75 -4.71 -10.50
CA GLY B 352 -27.50 -3.44 -10.44
C GLY B 352 -26.59 -2.23 -10.36
N LYS B 353 -27.19 -1.04 -10.35
CA LYS B 353 -26.43 0.20 -10.33
C LYS B 353 -25.86 0.44 -8.92
N ILE B 354 -24.58 0.77 -8.84
CA ILE B 354 -23.96 1.15 -7.57
C ILE B 354 -24.19 2.64 -7.35
N THR B 355 -25.03 2.99 -6.36
CA THR B 355 -25.44 4.38 -6.20
C THR B 355 -24.43 5.19 -5.38
N ARG B 356 -23.70 4.50 -4.49
CA ARG B 356 -22.69 5.14 -3.68
C ARG B 356 -21.50 4.19 -3.50
N PHE B 357 -20.29 4.73 -3.66
CA PHE B 357 -19.08 3.96 -3.53
C PHE B 357 -17.91 4.73 -2.89
N HIS B 358 -17.32 4.11 -1.87
CA HIS B 358 -16.13 4.62 -1.27
C HIS B 358 -15.13 3.49 -1.05
N ALA B 359 -13.90 3.71 -1.51
CA ALA B 359 -12.82 2.75 -1.37
C ALA B 359 -12.07 3.00 -0.07
N PRO B 360 -11.71 1.94 0.63
CA PRO B 360 -10.89 2.12 1.81
C PRO B 360 -9.47 2.53 1.43
N GLY B 361 -8.81 3.26 2.33
CA GLY B 361 -7.45 3.74 2.15
C GLY B 361 -6.59 3.31 3.32
N GLY B 362 -5.40 3.91 3.43
CA GLY B 362 -4.48 3.59 4.52
C GLY B 362 -3.23 2.83 4.13
N PHE B 363 -2.30 2.78 5.09
CA PHE B 363 -1.05 2.05 4.99
C PHE B 363 -1.33 0.56 4.92
N GLY B 364 -0.66 -0.13 4.00
CA GLY B 364 -0.86 -1.56 3.82
C GLY B 364 -2.19 -1.98 3.23
N VAL B 365 -2.98 -1.02 2.75
CA VAL B 365 -4.30 -1.33 2.18
C VAL B 365 -4.25 -1.20 0.65
N ARG B 366 -4.50 -2.31 -0.03
CA ARG B 366 -4.52 -2.36 -1.49
C ARG B 366 -5.91 -2.75 -1.95
N TRP B 367 -6.48 -1.97 -2.87
CA TRP B 367 -7.84 -2.20 -3.37
C TRP B 367 -7.76 -2.54 -4.85
N GLU B 368 -8.32 -3.68 -5.25
CA GLU B 368 -8.32 -4.14 -6.64
C GLU B 368 -9.76 -4.33 -7.12
N SER B 369 -10.27 -3.33 -7.81
CA SER B 369 -11.62 -3.39 -8.35
C SER B 369 -11.84 -2.36 -9.42
N HIS B 370 -12.74 -2.72 -10.33
CA HIS B 370 -13.14 -1.84 -11.42
C HIS B 370 -14.35 -0.99 -11.08
N ILE B 371 -14.97 -1.21 -9.93
CA ILE B 371 -16.24 -0.53 -9.65
C ILE B 371 -16.05 0.94 -9.30
N TYR B 372 -17.10 1.71 -9.52
CA TYR B 372 -17.15 3.13 -9.20
C TYR B 372 -18.61 3.55 -9.01
N ALA B 373 -18.87 4.78 -8.58
CA ALA B 373 -20.25 5.24 -8.37
C ALA B 373 -20.90 5.47 -9.71
N GLY B 374 -22.10 4.90 -9.89
CA GLY B 374 -22.81 5.01 -11.17
C GLY B 374 -22.59 3.82 -12.08
N TYR B 375 -21.66 2.95 -11.71
CA TYR B 375 -21.36 1.77 -12.51
C TYR B 375 -22.42 0.71 -12.27
N THR B 376 -22.91 0.13 -13.35
CA THR B 376 -23.87 -0.96 -13.24
C THR B 376 -23.08 -2.26 -13.26
N VAL B 377 -23.21 -3.07 -12.22
CA VAL B 377 -22.68 -4.42 -12.21
C VAL B 377 -23.66 -5.26 -13.03
N PRO B 378 -23.23 -5.79 -14.19
CA PRO B 378 -24.17 -6.54 -15.02
C PRO B 378 -24.48 -7.96 -14.53
N PRO B 379 -25.66 -8.48 -14.86
CA PRO B 379 -26.06 -9.85 -14.50
C PRO B 379 -25.38 -10.98 -15.27
N TYR B 380 -24.69 -10.67 -16.38
CA TYR B 380 -24.23 -11.71 -17.30
C TYR B 380 -22.95 -12.43 -16.84
N TYR B 381 -22.21 -11.82 -15.93
CA TYR B 381 -20.87 -12.31 -15.60
C TYR B 381 -20.81 -12.77 -14.16
N ASP B 382 -19.63 -13.01 -13.63
CA ASP B 382 -19.55 -13.70 -12.35
C ASP B 382 -19.62 -12.68 -11.22
N SER B 383 -19.97 -13.15 -10.04
CA SER B 383 -20.28 -12.29 -8.90
C SER B 383 -19.13 -11.41 -8.39
N MET B 384 -17.88 -11.78 -8.67
CA MET B 384 -16.75 -11.06 -8.06
C MET B 384 -16.52 -9.71 -8.71
N ILE B 385 -16.60 -8.66 -7.90
CA ILE B 385 -16.47 -7.28 -8.40
C ILE B 385 -15.26 -6.53 -7.84
N GLY B 386 -14.61 -7.10 -6.83
CA GLY B 386 -13.46 -6.45 -6.20
C GLY B 386 -12.68 -7.38 -5.30
N LYS B 387 -11.45 -7.00 -5.01
CA LYS B 387 -10.61 -7.75 -4.10
C LYS B 387 -9.98 -6.76 -3.14
N LEU B 388 -10.13 -7.00 -1.86
CA LEU B 388 -9.50 -6.17 -0.85
C LEU B 388 -8.32 -6.92 -0.25
N ILE B 389 -7.12 -6.35 -0.31
CA ILE B 389 -5.93 -6.99 0.21
C ILE B 389 -5.26 -6.10 1.24
N CYS B 390 -5.07 -6.61 2.46
CA CYS B 390 -4.35 -5.89 3.50
C CYS B 390 -3.03 -6.56 3.89
N TYR B 391 -1.96 -5.75 3.94
CA TYR B 391 -0.61 -6.22 4.31
C TYR B 391 -0.26 -5.73 5.70
N GLY B 392 0.43 -6.57 6.48
CA GLY B 392 0.97 -6.17 7.81
C GLY B 392 2.29 -6.86 8.15
N GLU B 393 3.08 -6.27 9.06
CA GLU B 393 4.36 -6.89 9.46
C GLU B 393 4.17 -8.28 10.11
N ASN B 394 2.95 -8.59 10.55
CA ASN B 394 2.57 -9.92 10.96
C ASN B 394 1.11 -10.20 10.60
N ARG B 395 0.67 -11.44 10.76
CA ARG B 395 -0.70 -11.82 10.43
C ARG B 395 -1.75 -11.00 11.21
N ASP B 396 -1.51 -10.77 12.50
CA ASP B 396 -2.46 -10.03 13.33
C ASP B 396 -2.73 -8.62 12.82
N VAL B 397 -1.66 -7.93 12.44
CA VAL B 397 -1.75 -6.57 11.91
C VAL B 397 -2.49 -6.56 10.56
N ALA B 398 -2.23 -7.56 9.74
CA ALA B 398 -2.91 -7.68 8.44
C ALA B 398 -4.40 -7.80 8.68
N ILE B 399 -4.76 -8.71 9.58
CA ILE B 399 -6.16 -8.93 9.94
C ILE B 399 -6.80 -7.64 10.49
N ALA B 400 -6.10 -6.95 11.38
CA ALA B 400 -6.62 -5.71 11.98
C ALA B 400 -6.83 -4.64 10.95
N ARG B 401 -5.92 -4.52 9.98
CA ARG B 401 -6.11 -3.57 8.89
C ARG B 401 -7.34 -3.93 8.05
N MET B 402 -7.59 -5.21 7.83
CA MET B 402 -8.69 -5.66 6.98
C MET B 402 -10.04 -5.36 7.64
N LYS B 403 -10.17 -5.66 8.93
CA LYS B 403 -11.38 -5.32 9.70
C LYS B 403 -11.76 -3.86 9.51
N ASN B 404 -10.78 -2.97 9.62
CA ASN B 404 -11.02 -1.53 9.51
C ASN B 404 -11.25 -1.08 8.08
N ALA B 405 -10.59 -1.74 7.12
CA ALA B 405 -10.79 -1.47 5.70
C ALA B 405 -12.20 -1.88 5.29
N LEU B 406 -12.62 -3.05 5.73
CA LEU B 406 -13.97 -3.56 5.49
C LEU B 406 -15.06 -2.66 6.07
N GLN B 407 -14.78 -2.00 7.20
CA GLN B 407 -15.72 -1.06 7.82
C GLN B 407 -15.87 0.22 6.98
N GLU B 408 -14.78 0.67 6.36
CA GLU B 408 -14.78 1.89 5.54
C GLU B 408 -15.38 1.70 4.17
N LEU B 409 -15.34 0.47 3.67
CA LEU B 409 -15.81 0.17 2.33
C LEU B 409 -17.31 0.43 2.22
N ILE B 410 -17.71 1.22 1.24
CA ILE B 410 -19.11 1.52 1.06
C ILE B 410 -19.52 1.16 -0.36
N ILE B 411 -20.49 0.26 -0.48
CA ILE B 411 -21.10 -0.09 -1.77
C ILE B 411 -22.60 -0.22 -1.56
N ASP B 412 -23.37 0.70 -2.12
CA ASP B 412 -24.83 0.74 -1.98
C ASP B 412 -25.49 0.59 -3.34
N GLY B 413 -26.73 0.12 -3.33
CA GLY B 413 -27.49 -0.15 -4.56
C GLY B 413 -27.50 -1.62 -4.93
N ILE B 414 -26.55 -2.38 -4.37
CA ILE B 414 -26.49 -3.82 -4.53
C ILE B 414 -26.11 -4.46 -3.19
N LYS B 415 -26.47 -5.73 -3.03
CA LYS B 415 -25.97 -6.51 -1.89
C LYS B 415 -24.51 -6.90 -2.13
N THR B 416 -23.74 -7.08 -1.06
CA THR B 416 -22.37 -7.60 -1.15
C THR B 416 -22.10 -8.56 -0.02
N ASN B 417 -20.96 -9.24 -0.10
CA ASN B 417 -20.54 -10.16 0.94
C ASN B 417 -19.61 -9.51 1.97
N VAL B 418 -19.64 -8.18 2.05
CA VAL B 418 -18.81 -7.46 3.01
C VAL B 418 -19.18 -7.91 4.44
N ASP B 419 -20.48 -7.92 4.76
CA ASP B 419 -20.89 -8.27 6.14
C ASP B 419 -20.40 -9.67 6.48
N LEU B 420 -20.45 -10.59 5.51
CA LEU B 420 -19.91 -11.94 5.73
C LEU B 420 -18.40 -11.93 5.91
N GLN B 421 -17.70 -11.05 5.19
CA GLN B 421 -16.25 -10.94 5.32
C GLN B 421 -15.85 -10.40 6.70
N ILE B 422 -16.64 -9.47 7.22
CA ILE B 422 -16.43 -8.91 8.56
C ILE B 422 -16.53 -10.00 9.62
N ARG B 423 -17.49 -10.91 9.46
CA ARG B 423 -17.69 -11.99 10.42
C ARG B 423 -16.57 -13.01 10.37
N ILE B 424 -16.04 -13.26 9.18
CA ILE B 424 -14.91 -14.19 9.02
C ILE B 424 -13.67 -13.62 9.69
N MET B 425 -13.44 -12.32 9.50
CA MET B 425 -12.33 -11.65 10.15
C MET B 425 -12.46 -11.70 11.66
N ASN B 426 -13.70 -11.65 12.17
CA ASN B 426 -14.00 -11.71 13.61
C ASN B 426 -13.93 -13.11 14.20
N ASP B 427 -14.07 -14.12 13.36
CA ASP B 427 -14.12 -15.50 13.80
C ASP B 427 -12.86 -15.88 14.56
N GLU B 428 -13.02 -16.46 15.75
CA GLU B 428 -11.88 -16.74 16.62
C GLU B 428 -11.00 -17.89 16.15
N ASN B 429 -11.55 -18.81 15.35
CA ASN B 429 -10.74 -19.87 14.74
C ASN B 429 -9.93 -19.39 13.54
N PHE B 430 -10.50 -18.49 12.75
CA PHE B 430 -9.71 -17.78 11.74
C PHE B 430 -8.57 -17.02 12.43
N GLN B 431 -8.90 -16.33 13.52
CA GLN B 431 -7.89 -15.54 14.22
C GLN B 431 -6.75 -16.41 14.74
N HIS B 432 -7.07 -17.58 15.27
CA HIS B 432 -6.03 -18.54 15.61
C HIS B 432 -5.32 -19.01 14.34
N GLY B 433 -6.09 -19.24 13.28
CA GLY B 433 -5.56 -19.61 11.97
C GLY B 433 -5.44 -21.12 11.80
N GLY B 434 -5.36 -21.55 10.53
CA GLY B 434 -5.21 -22.96 10.23
C GLY B 434 -6.52 -23.71 10.01
N THR B 435 -7.62 -22.99 9.83
CA THR B 435 -8.92 -23.63 9.61
C THR B 435 -8.92 -24.46 8.33
N ASN B 436 -9.66 -25.57 8.35
CA ASN B 436 -9.75 -26.51 7.23
C ASN B 436 -10.67 -26.00 6.11
N ILE B 437 -10.75 -26.76 5.02
CA ILE B 437 -11.53 -26.37 3.83
C ILE B 437 -13.05 -26.46 4.00
N HIS B 438 -13.50 -27.14 5.06
CA HIS B 438 -14.92 -27.28 5.36
C HIS B 438 -15.40 -26.27 6.39
N TYR B 439 -14.51 -25.40 6.85
CA TYR B 439 -14.81 -24.54 8.01
C TYR B 439 -15.92 -23.52 7.74
N LEU B 440 -15.81 -22.79 6.63
CA LEU B 440 -16.78 -21.75 6.32
C LEU B 440 -18.18 -22.31 6.22
N GLU B 441 -18.34 -23.40 5.48
CA GLU B 441 -19.66 -24.02 5.31
C GLU B 441 -20.20 -24.56 6.63
N LYS B 442 -19.31 -24.98 7.52
CA LYS B 442 -19.71 -25.53 8.81
C LYS B 442 -20.21 -24.41 9.73
N LYS B 443 -19.46 -23.30 9.81
CA LYS B 443 -19.90 -22.12 10.58
C LYS B 443 -21.28 -21.67 10.08
N LEU B 444 -21.40 -21.52 8.76
CA LEU B 444 -22.66 -21.06 8.16
C LEU B 444 -23.85 -22.02 8.31
N GLY B 445 -23.61 -23.23 8.83
CA GLY B 445 -24.67 -24.24 8.95
C GLY B 445 -25.17 -24.75 7.59
N LEU B 446 -24.23 -25.05 6.69
CA LEU B 446 -24.54 -25.56 5.34
C LEU B 446 -23.99 -27.00 5.19
CL CL C . 4.40 19.10 7.83
PG ATF D . 8.59 24.34 8.52
O1G ATF D . 9.06 22.95 8.16
O2G ATF D . 8.83 24.73 9.95
O3G ATF D . 7.17 24.63 8.07
PB ATF D . 9.35 27.17 7.90
O1B ATF D . 7.91 27.50 7.56
O2B ATF D . 9.83 27.46 9.29
C3B ATF D . 9.65 25.42 7.52
F1B ATF D . 10.92 25.14 7.73
F2B ATF D . 9.42 25.20 6.23
PA ATF D . 11.78 28.33 7.29
O1A ATF D . 12.40 27.11 7.95
O2A ATF D . 11.85 29.68 7.97
O3A ATF D . 10.26 28.05 6.90
O5' ATF D . 12.45 28.44 5.84
C5' ATF D . 12.85 27.26 5.12
C4' ATF D . 13.13 27.73 3.69
O4' ATF D . 13.92 28.93 3.73
C3' ATF D . 13.87 26.72 2.84
O3' ATF D . 12.98 26.04 1.96
C2' ATF D . 14.87 27.55 2.06
O2' ATF D . 14.35 27.86 0.77
C1' ATF D . 15.01 28.87 2.81
N9 ATF D . 16.30 28.97 3.54
C8 ATF D . 16.47 28.92 4.87
N7 ATF D . 17.79 29.07 5.19
C5 ATF D . 18.48 29.22 4.06
C6 ATF D . 19.90 29.43 3.69
N6 ATF D . 20.85 29.48 4.65
N1 ATF D . 20.20 29.54 2.37
C2 ATF D . 19.25 29.48 1.42
N3 ATF D . 17.94 29.30 1.69
C4 ATF D . 17.50 29.16 2.96
CL CL E . -8.40 -17.86 -9.88
#